data_9DWI
#
_entry.id   9DWI
#
_cell.length_a   1.00
_cell.length_b   1.00
_cell.length_c   1.00
_cell.angle_alpha   90.00
_cell.angle_beta   90.00
_cell.angle_gamma   90.00
#
_symmetry.space_group_name_H-M   'P 1'
#
loop_
_entity.id
_entity.type
_entity.pdbx_description
1 polymer 'Histone H3.2'
2 polymer 'Histone H4'
3 polymer 'Histone H2A type 1'
4 polymer 'Histone H2B type 1-C/E/F/G/I'
5 polymer '601 I strand (damaged strand 1)'
6 polymer '601 J strand (non-damaged strand)'
7 polymer '601 K strand (damaged strand 2)'
8 polymer 'DNA polymerase beta'
#
loop_
_entity_poly.entity_id
_entity_poly.type
_entity_poly.pdbx_seq_one_letter_code
_entity_poly.pdbx_strand_id
1 'polypeptide(L)'
;ARTKQTARKSTGGKAPRKQLATKAARKSAPATGGVKKPHRYRPGTVALREIRRYQKSTELLIRKLPFQRLVREIAQDFKT
DLRFQSSAVMALQEASEAYLVGLFEDTNLAAIHAKRVTIMPKDIQLARRIRGERA
;
A,E
2 'polypeptide(L)'
;SGRGKGGKGLGKGGAKRHRKVLRDNIQGITKPAIRRLARRGGVKRISGLIYEETRGVLKVFLENVIRDAVTYTEHAKRKT
VTAMDVVYALKRQGRTLYGFGG
;
B,F
3 'polypeptide(L)'
;SGRGKQGGKARAKAKTRSSRAGLQFPVGRVHRLLRKGNYAERVGAGAPVYLAAVLEYLTAEILELAGNAARDNKKTRIIP
RHLQLAIRNDEELNKLLGKVTIAQGGVLPNIQAVLLPKKTESHHKAKGK
;
C,G
4 'polypeptide(L)'
;PEPAKSAPAPKKGSKKAVTKAQKKDGKKRKRSRKESYSVYVYKVLKQVHPDTGISSKAMGIMNSFVNDIFERIAGEASRL
AHYNKRSTITSREIQTAVRLLLPGELAKHAVSEGTKAVTKYTSSK
;
D,H
5 'polydeoxyribonucleotide'
;(DA)(DT)(DC)(DG)(DA)(DG)(DA)(DA)(DT)(DC)(DC)(DC)(DG)(DG)(DT)(DG)(DC)(DC)(DG)(DA)
(DG)(DG)(DC)(DC)(DG)(DC)(DT)(DC)(DA)(DA)(DT)(DT)(DG)(DG)(DT)(DC)(DG)(DT)(DA)(DG)
(DA)(DC)(DA)(DG)(DC)(DT)(DC)(DT)(DA)(DG)(DC)(DA)(DC)(DC)(DG)(DC)(DT)(DT)(DA)(DA)
(DA)(DC)(DG)(DC)(DA)(DC)(DG)(DT)(DA)(DC)(DG)(DC)(DG)(DC)(DT)(DG)(DT)(DC)(DC)(DC)
(DC)(DC)(DG)(DC)(DG)(DT)(DT)(DT)(DT)(DA)(DA)(DC)(DC)(DG)(DC)(DC)(DA)(DA)(DG)(DG)
(DG)(DG)(DA)(DT)(DT)(DA)(DC)(DT)(DC)(DC)(DC)(DT)(DA)(DG)(DT)(DC)(DT)
;
I
6 'polydeoxyribonucleotide'
;(DA)(DT)(DC)(DG)(DG)(DA)(DT)(DG)(DT)(DA)(DT)(DA)(DT)(DA)(DT)(DC)(DT)(DG)(DA)(DC)
(DA)(DC)(DG)(DT)(DG)(DC)(DC)(DT)(DG)(DG)(DA)(DG)(DA)(DC)(DT)(DA)(DG)(DG)(DG)(DA)
(DG)(DT)(DA)(DA)(DT)(DC)(DC)(DC)(DC)(DT)(DT)(DG)(DG)(DC)(DG)(DG)(DT)(DT)(DA)(DA)
(DA)(DA)(DC)(DG)(DC)(DG)(DG)(DG)(DG)(DG)(DA)(DC)(DA)(DG)(DC)(DG)(DC)(DG)(DT)(DA)
(DC)(DG)(DT)(DG)(DC)(DG)(DT)(DT)(DT)(DA)(DA)(DG)(DC)(DG)(DG)(DT)(DG)(DC)(DT)(DA)
(DG)(DA)(DG)(DC)(DT)(DG)(DT)(DC)(DT)(DA)(DC)(DG)(DA)(DC)(DC)(DA)(DA)(DT)(DT)(DG)
(DA)(DG)(DC)(DG)(DG)(DC)(DC)(DT)(DC)(DG)(DG)(DC)(DA)(DC)(DC)(DG)(DG)(DG)(DA)(DT)
(DT)(DC)(DT)(DC)(DG)(DA)(DT)
;
J
7 'polydeoxyribonucleotide'
;(DC)(DA)(DG)(DG)(DC)(DA)(DC)(DG)(DT)(DG)(DT)(DC)(DA)(DG)(DA)(DT)(DA)(DT)(DA)(DT)
(DA)(DC)(DA)(DT)(DC)(DC)(DG)(DA)(DT)
;
K
8 'polypeptide(L)'
;MSKRKAPQETLNGGITDMLTELANFEKNVSQAIHKYNAYRKAASVIAKYPHKIKSGAEAKKLPGVGTKIAEKIDEFLATG
KLRKLEKIRQDDTSSSINFLTRVSGIGPSAARKFVDEGIKTLEDLRKNEDKLNHHQRIGLKYFGDFEKRIPREEMLQMQD
IVLNEVKKVDSEYIATVCGSFRRGAESSGDMDVLLTHPSFTSESTKQPKLLHQVVEQLQKVHFITDTLSKGETKFMGVCQ
LPSKNDEKEYPHRRIDIRLIPKDQYYCGVLYFTGSDIFNKNMRAHALEKGFTINEYTIRPLGVTGVAGEPLPVDSEKDIF
DYIQWKYREPKDRSE
;
L
#
# COMPACT_ATOMS: atom_id res chain seq x y z
N PRO A 38 -64.04 -8.86 24.15
CA PRO A 38 -62.69 -8.87 24.70
C PRO A 38 -61.72 -9.71 23.86
N HIS A 39 -61.25 -9.14 22.75
CA HIS A 39 -60.34 -9.84 21.85
C HIS A 39 -58.92 -9.57 22.30
N ARG A 40 -58.33 -10.54 22.98
CA ARG A 40 -56.95 -10.46 23.46
C ARG A 40 -56.09 -11.47 22.72
N TYR A 41 -55.00 -11.00 22.15
CA TYR A 41 -54.12 -11.86 21.36
C TYR A 41 -53.40 -12.86 22.26
N ARG A 42 -53.07 -14.01 21.67
CA ARG A 42 -52.28 -15.00 22.40
C ARG A 42 -50.88 -14.47 22.65
N PRO A 43 -50.28 -14.77 23.79
CA PRO A 43 -48.94 -14.25 24.10
C PRO A 43 -47.90 -14.81 23.13
N GLY A 44 -47.26 -13.91 22.38
CA GLY A 44 -46.26 -14.30 21.41
C GLY A 44 -46.56 -13.79 20.02
N THR A 45 -47.83 -13.77 19.65
CA THR A 45 -48.22 -13.31 18.31
C THR A 45 -47.86 -11.85 18.09
N VAL A 46 -48.09 -11.00 19.09
CA VAL A 46 -47.69 -9.60 18.97
C VAL A 46 -46.18 -9.49 18.94
N ALA A 47 -45.48 -10.40 19.62
CA ALA A 47 -44.01 -10.42 19.52
C ALA A 47 -43.56 -10.86 18.14
N LEU A 48 -44.22 -11.88 17.57
CA LEU A 48 -43.92 -12.30 16.20
C LEU A 48 -44.28 -11.23 15.18
N ARG A 49 -45.14 -10.28 15.55
CA ARG A 49 -45.46 -9.16 14.68
C ARG A 49 -44.39 -8.08 14.78
N GLU A 50 -44.07 -7.67 16.00
CA GLU A 50 -43.09 -6.61 16.21
C GLU A 50 -41.69 -7.03 15.80
N ILE A 51 -41.37 -8.33 15.83
CA ILE A 51 -40.06 -8.76 15.37
C ILE A 51 -39.91 -8.53 13.87
N ARG A 52 -40.95 -8.84 13.08
CA ARG A 52 -40.90 -8.55 11.66
C ARG A 52 -40.88 -7.05 11.43
N ARG A 53 -41.67 -6.30 12.20
CA ARG A 53 -41.72 -4.85 12.03
C ARG A 53 -40.35 -4.22 12.26
N TYR A 54 -39.64 -4.64 13.29
CA TYR A 54 -38.35 -4.04 13.60
C TYR A 54 -37.21 -4.66 12.79
N GLN A 55 -37.42 -5.82 12.16
CA GLN A 55 -36.40 -6.34 11.27
C GLN A 55 -36.50 -5.75 9.87
N LYS A 56 -37.70 -5.35 9.43
CA LYS A 56 -37.80 -4.72 8.13
C LYS A 56 -37.56 -3.21 8.18
N SER A 57 -37.43 -2.63 9.36
CA SER A 57 -37.22 -1.21 9.53
C SER A 57 -35.75 -0.87 9.65
N THR A 58 -35.45 0.42 9.69
CA THR A 58 -34.07 0.88 9.82
C THR A 58 -33.94 2.09 10.75
N GLU A 59 -34.92 2.32 11.62
CA GLU A 59 -34.91 3.49 12.48
C GLU A 59 -33.91 3.30 13.63
N LEU A 60 -33.74 4.36 14.42
CA LEU A 60 -32.75 4.34 15.50
C LEU A 60 -33.17 3.41 16.63
N LEU A 61 -34.43 3.51 17.07
CA LEU A 61 -35.07 2.74 18.15
C LEU A 61 -34.60 3.17 19.53
N ILE A 62 -33.73 4.18 19.64
CA ILE A 62 -33.30 4.72 20.92
C ILE A 62 -33.53 6.22 20.89
N ARG A 63 -34.16 6.75 21.93
CA ARG A 63 -34.40 8.19 22.02
C ARG A 63 -33.08 8.94 22.04
N LYS A 64 -32.99 10.00 21.23
CA LYS A 64 -31.71 10.63 20.96
C LYS A 64 -31.21 11.43 22.16
N LEU A 65 -32.09 12.20 22.80
CA LEU A 65 -31.66 13.03 23.92
C LEU A 65 -31.14 12.23 25.11
N PRO A 66 -31.80 11.16 25.59
CA PRO A 66 -31.18 10.38 26.68
C PRO A 66 -29.84 9.78 26.32
N PHE A 67 -29.68 9.31 25.07
CA PHE A 67 -28.40 8.75 24.66
C PHE A 67 -27.32 9.83 24.62
N GLN A 68 -27.66 11.01 24.13
CA GLN A 68 -26.71 12.12 24.11
C GLN A 68 -26.30 12.51 25.53
N ARG A 69 -27.27 12.57 26.45
CA ARG A 69 -26.96 12.88 27.84
C ARG A 69 -26.06 11.81 28.47
N LEU A 70 -26.34 10.54 28.18
CA LEU A 70 -25.50 9.46 28.70
C LEU A 70 -24.09 9.54 28.14
N VAL A 71 -23.96 9.85 26.85
CA VAL A 71 -22.64 9.99 26.24
C VAL A 71 -21.87 11.14 26.89
N ARG A 72 -22.54 12.27 27.11
CA ARG A 72 -21.88 13.40 27.75
C ARG A 72 -21.45 13.06 29.18
N GLU A 73 -22.31 12.37 29.93
CA GLU A 73 -21.97 11.99 31.29
C GLU A 73 -20.78 11.05 31.32
N ILE A 74 -20.74 10.08 30.42
CA ILE A 74 -19.61 9.14 30.38
C ILE A 74 -18.33 9.86 29.95
N ALA A 75 -18.44 10.80 29.01
CA ALA A 75 -17.25 11.48 28.50
C ALA A 75 -16.69 12.47 29.50
N GLN A 76 -17.53 13.06 30.36
CA GLN A 76 -17.03 14.03 31.32
C GLN A 76 -16.14 13.40 32.38
N ASP A 77 -16.14 12.08 32.52
CA ASP A 77 -15.26 11.41 33.47
C ASP A 77 -13.81 11.40 33.02
N PHE A 78 -13.55 11.55 31.72
CA PHE A 78 -12.19 11.53 31.19
C PHE A 78 -11.61 12.93 31.01
N LYS A 79 -12.40 13.88 30.52
CA LYS A 79 -11.95 15.26 30.39
C LYS A 79 -13.14 16.18 30.59
N THR A 80 -13.03 17.11 31.53
CA THR A 80 -14.12 18.02 31.83
C THR A 80 -14.27 19.06 30.72
N ASP A 81 -15.49 19.58 30.59
CA ASP A 81 -15.84 20.65 29.66
C ASP A 81 -15.55 20.25 28.21
N LEU A 82 -16.22 19.18 27.77
CA LEU A 82 -16.15 18.73 26.39
C LEU A 82 -17.43 19.10 25.65
N ARG A 83 -17.31 19.29 24.34
CA ARG A 83 -18.45 19.54 23.48
C ARG A 83 -18.41 18.57 22.31
N PHE A 84 -19.59 18.09 21.90
CA PHE A 84 -19.70 17.04 20.91
C PHE A 84 -20.35 17.55 19.64
N GLN A 85 -19.83 17.11 18.50
CA GLN A 85 -20.53 17.29 17.24
C GLN A 85 -21.74 16.37 17.19
N SER A 86 -22.79 16.84 16.50
CA SER A 86 -24.00 16.04 16.39
C SER A 86 -23.75 14.74 15.63
N SER A 87 -22.93 14.81 14.58
CA SER A 87 -22.60 13.60 13.83
C SER A 87 -21.83 12.61 14.67
N ALA A 88 -21.02 13.08 15.63
CA ALA A 88 -20.31 12.18 16.52
C ALA A 88 -21.28 11.39 17.39
N VAL A 89 -22.28 12.08 17.95
CA VAL A 89 -23.28 11.40 18.78
C VAL A 89 -24.10 10.42 17.94
N MET A 90 -24.44 10.82 16.70
CA MET A 90 -25.18 9.92 15.83
C MET A 90 -24.37 8.67 15.50
N ALA A 91 -23.07 8.83 15.20
CA ALA A 91 -22.23 7.69 14.90
C ALA A 91 -22.08 6.78 16.11
N LEU A 92 -21.94 7.36 17.30
CA LEU A 92 -21.91 6.56 18.52
C LEU A 92 -23.20 5.76 18.68
N GLN A 93 -24.35 6.39 18.40
CA GLN A 93 -25.62 5.71 18.55
C GLN A 93 -25.74 4.54 17.57
N GLU A 94 -25.34 4.75 16.30
CA GLU A 94 -25.41 3.66 15.33
C GLU A 94 -24.48 2.51 15.69
N ALA A 95 -23.26 2.84 16.14
CA ALA A 95 -22.32 1.78 16.53
C ALA A 95 -22.84 1.00 17.72
N SER A 96 -23.39 1.70 18.72
CA SER A 96 -23.95 1.04 19.89
C SER A 96 -25.13 0.17 19.52
N GLU A 97 -25.98 0.65 18.61
CA GLU A 97 -27.13 -0.15 18.16
C GLU A 97 -26.68 -1.40 17.43
N ALA A 98 -25.66 -1.30 16.57
CA ALA A 98 -25.15 -2.48 15.89
C ALA A 98 -24.58 -3.49 16.90
N TYR A 99 -23.79 -2.99 17.86
CA TYR A 99 -23.20 -3.87 18.86
C TYR A 99 -24.28 -4.59 19.67
N LEU A 100 -25.30 -3.85 20.11
CA LEU A 100 -26.34 -4.46 20.93
C LEU A 100 -27.19 -5.44 20.13
N VAL A 101 -27.44 -5.14 18.85
CA VAL A 101 -28.19 -6.07 18.02
C VAL A 101 -27.41 -7.37 17.83
N GLY A 102 -26.11 -7.27 17.56
CA GLY A 102 -25.30 -8.48 17.45
C GLY A 102 -25.25 -9.28 18.74
N LEU A 103 -25.13 -8.57 19.87
CA LEU A 103 -25.11 -9.24 21.18
C LEU A 103 -26.43 -9.97 21.43
N PHE A 104 -27.54 -9.35 21.08
CA PHE A 104 -28.83 -10.02 21.26
C PHE A 104 -29.01 -11.19 20.31
N GLU A 105 -28.47 -11.10 19.10
CA GLU A 105 -28.50 -12.24 18.18
C GLU A 105 -27.77 -13.43 18.78
N ASP A 106 -26.56 -13.19 19.30
CA ASP A 106 -25.80 -14.28 19.92
C ASP A 106 -26.48 -14.79 21.18
N THR A 107 -27.11 -13.89 21.94
CA THR A 107 -27.84 -14.30 23.14
C THR A 107 -29.02 -15.19 22.79
N ASN A 108 -29.76 -14.85 21.74
CA ASN A 108 -30.86 -15.70 21.29
C ASN A 108 -30.35 -17.05 20.83
N LEU A 109 -29.21 -17.06 20.12
CA LEU A 109 -28.62 -18.33 19.71
C LEU A 109 -28.30 -19.21 20.92
N ALA A 110 -27.68 -18.62 21.95
CA ALA A 110 -27.35 -19.38 23.15
C ALA A 110 -28.60 -19.86 23.86
N ALA A 111 -29.63 -19.02 23.94
CA ALA A 111 -30.85 -19.40 24.64
C ALA A 111 -31.57 -20.54 23.93
N ILE A 112 -31.59 -20.51 22.60
CA ILE A 112 -32.19 -21.62 21.86
C ILE A 112 -31.35 -22.87 22.02
N HIS A 113 -30.02 -22.72 22.07
CA HIS A 113 -29.16 -23.87 22.34
C HIS A 113 -29.43 -24.46 23.73
N ALA A 114 -29.86 -23.64 24.67
CA ALA A 114 -30.15 -24.09 26.03
C ALA A 114 -31.58 -24.61 26.18
N LYS A 115 -32.23 -24.98 25.07
CA LYS A 115 -33.59 -25.52 25.07
C LYS A 115 -34.59 -24.56 25.72
N ARG A 116 -34.45 -23.28 25.42
CA ARG A 116 -35.36 -22.26 25.93
C ARG A 116 -35.69 -21.28 24.81
N VAL A 117 -36.68 -20.44 25.08
CA VAL A 117 -37.00 -19.29 24.22
C VAL A 117 -36.88 -17.98 24.96
N THR A 118 -36.61 -18.01 26.27
CA THR A 118 -36.47 -16.81 27.07
C THR A 118 -34.99 -16.59 27.39
N ILE A 119 -34.48 -15.42 27.02
CA ILE A 119 -33.08 -15.10 27.29
C ILE A 119 -32.92 -14.65 28.73
N MET A 120 -31.85 -15.08 29.36
CA MET A 120 -31.51 -14.72 30.73
C MET A 120 -30.07 -14.22 30.75
N PRO A 121 -29.69 -13.44 31.77
CA PRO A 121 -28.36 -12.79 31.74
C PRO A 121 -27.20 -13.76 31.66
N LYS A 122 -27.37 -15.01 32.09
CA LYS A 122 -26.31 -15.99 31.90
C LYS A 122 -26.05 -16.25 30.42
N ASP A 123 -27.08 -16.14 29.58
CA ASP A 123 -26.86 -16.27 28.14
C ASP A 123 -26.00 -15.14 27.61
N ILE A 124 -26.26 -13.90 28.06
CA ILE A 124 -25.46 -12.76 27.65
C ILE A 124 -24.02 -12.93 28.11
N GLN A 125 -23.84 -13.37 29.35
CA GLN A 125 -22.48 -13.57 29.88
C GLN A 125 -21.74 -14.64 29.08
N LEU A 126 -22.43 -15.74 28.74
CA LEU A 126 -21.80 -16.78 27.93
C LEU A 126 -21.40 -16.26 26.56
N ALA A 127 -22.30 -15.51 25.92
CA ALA A 127 -21.99 -14.97 24.59
C ALA A 127 -20.81 -14.02 24.64
N ARG A 128 -20.77 -13.14 25.65
CA ARG A 128 -19.66 -12.22 25.79
C ARG A 128 -18.35 -12.94 26.06
N ARG A 129 -18.39 -14.00 26.88
CA ARG A 129 -17.16 -14.72 27.20
C ARG A 129 -16.64 -15.50 26.00
N ILE A 130 -17.54 -16.12 25.23
CA ILE A 130 -17.11 -16.85 24.05
C ILE A 130 -16.59 -15.90 22.98
N ARG A 131 -17.22 -14.73 22.84
CA ARG A 131 -16.79 -13.77 21.84
C ARG A 131 -15.40 -13.21 22.11
N GLY A 132 -14.87 -13.39 23.31
CA GLY A 132 -13.56 -12.88 23.66
C GLY A 132 -13.56 -11.56 24.39
N GLU A 133 -14.72 -11.09 24.85
CA GLU A 133 -14.81 -9.82 25.55
C GLU A 133 -14.66 -9.96 27.06
N ARG A 134 -14.43 -11.17 27.55
CA ARG A 134 -14.21 -11.39 28.98
C ARG A 134 -13.11 -12.41 29.21
N LYS B 20 -23.58 21.34 33.52
CA LYS B 20 -24.55 20.51 34.23
C LYS B 20 -23.96 19.14 34.56
N VAL B 21 -23.62 18.95 35.84
CA VAL B 21 -23.08 17.67 36.29
C VAL B 21 -24.21 16.66 36.32
N LEU B 22 -24.18 15.70 35.40
CA LEU B 22 -25.23 14.70 35.30
C LEU B 22 -24.98 13.58 36.30
N ARG B 23 -26.05 13.16 36.98
CA ARG B 23 -25.95 12.16 38.04
C ARG B 23 -26.24 10.76 37.52
N ASP B 24 -27.44 10.54 36.97
CA ASP B 24 -27.78 9.27 36.37
C ASP B 24 -28.47 9.48 35.02
N ASN B 25 -27.99 8.78 34.01
CA ASN B 25 -28.63 8.75 32.71
C ASN B 25 -28.71 7.37 32.09
N ILE B 26 -28.07 6.36 32.69
CA ILE B 26 -28.19 4.99 32.20
C ILE B 26 -29.63 4.52 32.31
N GLN B 27 -30.39 5.08 33.25
CA GLN B 27 -31.83 4.82 33.32
C GLN B 27 -32.58 5.47 32.15
N GLY B 28 -31.94 6.36 31.40
CA GLY B 28 -32.56 6.93 30.23
C GLY B 28 -32.70 5.96 29.08
N ILE B 29 -31.95 4.86 29.11
CA ILE B 29 -32.12 3.77 28.15
C ILE B 29 -33.24 2.90 28.72
N THR B 30 -34.47 3.27 28.37
CA THR B 30 -35.65 2.72 29.04
C THR B 30 -35.87 1.27 28.65
N LYS B 31 -36.77 0.62 29.41
CA LYS B 31 -37.14 -0.77 29.13
C LYS B 31 -37.71 -0.98 27.74
N PRO B 32 -38.63 -0.16 27.23
CA PRO B 32 -39.09 -0.38 25.85
C PRO B 32 -38.00 -0.26 24.81
N ALA B 33 -36.98 0.58 25.03
CA ALA B 33 -35.89 0.68 24.08
C ALA B 33 -35.09 -0.62 24.02
N ILE B 34 -34.78 -1.19 25.18
CA ILE B 34 -34.09 -2.48 25.22
C ILE B 34 -34.96 -3.56 24.60
N ARG B 35 -36.28 -3.50 24.84
CA ARG B 35 -37.18 -4.48 24.25
C ARG B 35 -37.19 -4.39 22.73
N ARG B 36 -37.22 -3.17 22.19
CA ARG B 36 -37.19 -3.00 20.74
C ARG B 36 -35.87 -3.45 20.13
N LEU B 37 -34.76 -3.14 20.80
CA LEU B 37 -33.46 -3.62 20.33
C LEU B 37 -33.40 -5.13 20.31
N ALA B 38 -33.93 -5.77 21.36
CA ALA B 38 -33.96 -7.23 21.41
C ALA B 38 -34.86 -7.81 20.33
N ARG B 39 -36.01 -7.18 20.07
CA ARG B 39 -36.89 -7.63 19.01
C ARG B 39 -36.21 -7.54 17.65
N ARG B 40 -35.49 -6.45 17.40
CA ARG B 40 -34.70 -6.36 16.17
C ARG B 40 -33.64 -7.44 16.12
N GLY B 41 -33.04 -7.76 17.27
CA GLY B 41 -32.07 -8.84 17.31
C GLY B 41 -32.67 -10.18 16.93
N GLY B 42 -33.89 -10.45 17.37
CA GLY B 42 -34.56 -11.66 16.96
C GLY B 42 -35.08 -12.56 18.07
N VAL B 43 -35.25 -11.99 19.27
CA VAL B 43 -35.71 -12.79 20.41
C VAL B 43 -37.23 -12.75 20.49
N LYS B 44 -37.80 -13.65 21.28
CA LYS B 44 -39.25 -13.69 21.51
C LYS B 44 -39.64 -13.23 22.89
N ARG B 45 -39.07 -13.81 23.94
CA ARG B 45 -39.39 -13.47 25.32
C ARG B 45 -38.13 -13.00 26.03
N ILE B 46 -38.29 -11.97 26.84
CA ILE B 46 -37.17 -11.32 27.54
C ILE B 46 -37.42 -11.43 29.04
N SER B 47 -36.40 -11.89 29.77
CA SER B 47 -36.51 -11.98 31.21
C SER B 47 -36.36 -10.60 31.85
N GLY B 48 -36.69 -10.52 33.13
CA GLY B 48 -36.65 -9.25 33.83
C GLY B 48 -35.25 -8.75 34.17
N LEU B 49 -34.26 -9.64 34.18
CA LEU B 49 -32.90 -9.27 34.53
C LEU B 49 -32.05 -8.93 33.32
N ILE B 50 -32.63 -8.95 32.11
CA ILE B 50 -31.87 -8.60 30.91
C ILE B 50 -31.54 -7.11 30.89
N TYR B 51 -32.41 -6.29 31.46
CA TYR B 51 -32.28 -4.84 31.30
C TYR B 51 -31.03 -4.31 32.01
N GLU B 52 -30.78 -4.75 33.24
CA GLU B 52 -29.62 -4.27 33.98
C GLU B 52 -28.33 -4.73 33.32
N GLU B 53 -28.28 -5.98 32.87
CA GLU B 53 -27.08 -6.49 32.21
C GLU B 53 -26.84 -5.76 30.88
N THR B 54 -27.89 -5.49 30.14
CA THR B 54 -27.75 -4.74 28.90
C THR B 54 -27.26 -3.32 29.16
N ARG B 55 -27.77 -2.68 30.22
CA ARG B 55 -27.28 -1.36 30.58
C ARG B 55 -25.80 -1.42 30.97
N GLY B 56 -25.39 -2.46 31.69
CA GLY B 56 -24.00 -2.59 32.06
C GLY B 56 -23.07 -2.76 30.87
N VAL B 57 -23.45 -3.66 29.94
CA VAL B 57 -22.59 -3.87 28.78
C VAL B 57 -22.60 -2.65 27.85
N LEU B 58 -23.74 -1.96 27.74
CA LEU B 58 -23.78 -0.72 26.99
C LEU B 58 -22.86 0.33 27.61
N LYS B 59 -22.88 0.44 28.94
CA LYS B 59 -22.01 1.41 29.61
C LYS B 59 -20.54 1.08 29.39
N VAL B 60 -20.17 -0.19 29.50
CA VAL B 60 -18.75 -0.53 29.36
C VAL B 60 -18.29 -0.34 27.93
N PHE B 61 -19.13 -0.67 26.94
CA PHE B 61 -18.77 -0.43 25.55
C PHE B 61 -18.65 1.05 25.26
N LEU B 62 -19.57 1.86 25.81
CA LEU B 62 -19.51 3.30 25.60
C LEU B 62 -18.25 3.90 26.22
N GLU B 63 -17.88 3.45 27.42
CA GLU B 63 -16.63 3.93 28.01
C GLU B 63 -15.43 3.53 27.17
N ASN B 64 -15.42 2.29 26.66
CA ASN B 64 -14.29 1.84 25.86
C ASN B 64 -14.13 2.67 24.60
N VAL B 65 -15.24 2.99 23.94
CA VAL B 65 -15.15 3.81 22.72
C VAL B 65 -14.79 5.25 23.07
N ILE B 66 -15.43 5.81 24.09
CA ILE B 66 -15.27 7.22 24.43
C ILE B 66 -13.86 7.53 24.91
N ARG B 67 -13.22 6.60 25.63
CA ARG B 67 -11.86 6.83 26.08
C ARG B 67 -10.92 7.05 24.89
N ASP B 68 -11.01 6.18 23.89
CA ASP B 68 -10.18 6.33 22.70
C ASP B 68 -10.55 7.59 21.92
N ALA B 69 -11.84 7.90 21.82
CA ALA B 69 -12.25 9.11 21.10
C ALA B 69 -11.70 10.37 21.78
N VAL B 70 -11.78 10.42 23.10
CA VAL B 70 -11.28 11.57 23.85
C VAL B 70 -9.77 11.66 23.75
N THR B 71 -9.08 10.51 23.76
CA THR B 71 -7.63 10.53 23.57
C THR B 71 -7.27 11.09 22.20
N TYR B 72 -7.98 10.66 21.16
CA TYR B 72 -7.75 11.19 19.82
C TYR B 72 -7.99 12.69 19.77
N THR B 73 -9.07 13.16 20.42
CA THR B 73 -9.35 14.59 20.44
C THR B 73 -8.27 15.36 21.17
N GLU B 74 -7.80 14.84 22.32
CA GLU B 74 -6.79 15.53 23.10
C GLU B 74 -5.45 15.59 22.38
N HIS B 75 -5.12 14.56 21.59
CA HIS B 75 -3.85 14.57 20.87
C HIS B 75 -3.80 15.68 19.83
N ALA B 76 -4.96 16.08 19.30
CA ALA B 76 -5.04 17.13 18.29
C ALA B 76 -5.17 18.52 18.91
N LYS B 77 -5.08 18.62 20.23
CA LYS B 77 -5.20 19.89 20.96
C LYS B 77 -6.54 20.57 20.68
N ARG B 78 -7.58 19.78 20.53
CA ARG B 78 -8.93 20.28 20.32
C ARG B 78 -9.79 20.01 21.55
N LYS B 79 -10.93 20.69 21.61
CA LYS B 79 -11.90 20.48 22.67
C LYS B 79 -13.24 20.00 22.17
N THR B 80 -13.38 19.75 20.87
CA THR B 80 -14.61 19.26 20.27
C THR B 80 -14.37 17.86 19.72
N VAL B 81 -15.22 16.91 20.12
CA VAL B 81 -15.10 15.52 19.68
C VAL B 81 -15.88 15.42 18.37
N THR B 82 -15.15 15.35 17.26
CA THR B 82 -15.77 15.24 15.95
C THR B 82 -16.17 13.78 15.67
N ALA B 83 -16.97 13.61 14.63
CA ALA B 83 -17.41 12.27 14.25
C ALA B 83 -16.25 11.43 13.72
N MET B 84 -15.25 12.07 13.13
CA MET B 84 -14.11 11.34 12.59
C MET B 84 -13.30 10.69 13.69
N ASP B 85 -13.18 11.34 14.84
CA ASP B 85 -12.49 10.74 15.99
C ASP B 85 -13.23 9.48 16.46
N VAL B 86 -14.55 9.54 16.53
CA VAL B 86 -15.35 8.39 16.93
C VAL B 86 -15.20 7.26 15.92
N VAL B 87 -15.21 7.60 14.63
CA VAL B 87 -15.06 6.59 13.59
C VAL B 87 -13.69 5.92 13.70
N TYR B 88 -12.65 6.71 13.94
CA TYR B 88 -11.31 6.16 14.06
C TYR B 88 -11.20 5.26 15.29
N ALA B 89 -11.79 5.69 16.41
CA ALA B 89 -11.76 4.88 17.62
C ALA B 89 -12.50 3.56 17.41
N LEU B 90 -13.63 3.60 16.71
CA LEU B 90 -14.35 2.37 16.40
C LEU B 90 -13.54 1.48 15.48
N LYS B 91 -12.83 2.06 14.51
CA LYS B 91 -11.98 1.27 13.63
C LYS B 91 -10.83 0.62 14.38
N ARG B 92 -10.31 1.27 15.42
CA ARG B 92 -9.21 0.70 16.18
C ARG B 92 -9.61 -0.59 16.90
N GLN B 93 -10.89 -0.75 17.22
CA GLN B 93 -11.37 -1.94 17.89
C GLN B 93 -11.95 -2.96 16.93
N GLY B 94 -11.78 -2.77 15.62
CA GLY B 94 -12.30 -3.68 14.63
C GLY B 94 -13.75 -3.47 14.28
N ARG B 95 -14.43 -2.50 14.91
CA ARG B 95 -15.83 -2.21 14.60
C ARG B 95 -15.90 -1.05 13.62
N THR B 96 -15.47 -1.33 12.39
CA THR B 96 -15.45 -0.31 11.35
C THR B 96 -16.87 0.17 11.04
N LEU B 97 -17.03 1.48 10.93
CA LEU B 97 -18.33 2.10 10.70
C LEU B 97 -18.28 2.89 9.41
N TYR B 98 -19.27 2.68 8.55
CA TYR B 98 -19.36 3.34 7.26
C TYR B 98 -20.40 4.45 7.30
N GLY B 99 -20.32 5.35 6.32
CA GLY B 99 -21.30 6.40 6.16
C GLY B 99 -21.06 7.65 6.99
N PHE B 100 -19.88 7.78 7.62
CA PHE B 100 -19.58 8.95 8.42
C PHE B 100 -18.24 9.59 8.10
N GLY B 101 -17.40 8.95 7.28
CA GLY B 101 -16.11 9.50 6.94
C GLY B 101 -15.01 8.46 6.85
N ALA C 10 38.18 19.03 19.11
CA ALA C 10 36.89 18.38 18.97
C ALA C 10 37.00 16.88 19.21
N ARG C 11 36.00 16.13 18.75
CA ARG C 11 35.92 14.68 18.90
C ARG C 11 36.04 14.28 20.37
N ALA C 12 35.05 14.69 21.15
CA ALA C 12 35.01 14.38 22.56
C ALA C 12 34.75 12.89 22.78
N LYS C 13 34.75 12.48 24.04
CA LYS C 13 34.50 11.09 24.39
C LYS C 13 33.09 10.68 23.97
N ALA C 14 33.01 9.78 23.00
CA ALA C 14 31.72 9.35 22.48
C ALA C 14 30.95 8.57 23.53
N LYS C 15 29.66 8.88 23.68
CA LYS C 15 28.79 8.20 24.62
C LYS C 15 27.50 7.83 23.91
N THR C 16 27.02 6.61 24.16
CA THR C 16 25.79 6.15 23.54
C THR C 16 24.62 6.96 24.08
N ARG C 17 23.71 7.34 23.17
CA ARG C 17 22.55 8.13 23.56
C ARG C 17 21.67 7.41 24.57
N SER C 18 21.68 6.07 24.54
CA SER C 18 20.98 5.30 25.56
C SER C 18 21.58 5.54 26.94
N SER C 19 22.91 5.64 27.00
CA SER C 19 23.56 5.97 28.27
C SER C 19 23.20 7.38 28.71
N ARG C 20 23.06 8.32 27.78
CA ARG C 20 22.62 9.66 28.12
C ARG C 20 21.21 9.64 28.69
N ALA C 21 20.32 8.84 28.10
CA ALA C 21 18.95 8.73 28.58
C ALA C 21 18.80 7.76 29.74
N GLY C 22 19.87 7.09 30.15
CA GLY C 22 19.79 6.13 31.23
C GLY C 22 18.96 4.91 30.92
N LEU C 23 19.10 4.36 29.72
CA LEU C 23 18.33 3.20 29.28
C LEU C 23 19.28 2.07 28.88
N GLN C 24 18.76 0.85 28.95
CA GLN C 24 19.51 -0.31 28.48
C GLN C 24 19.22 -0.65 27.03
N PHE C 25 18.01 -0.35 26.56
CA PHE C 25 17.66 -0.62 25.18
C PHE C 25 18.33 0.39 24.24
N PRO C 26 18.64 -0.01 23.01
CA PRO C 26 19.36 0.89 22.09
C PRO C 26 18.42 1.90 21.45
N VAL C 27 18.58 3.17 21.84
CA VAL C 27 17.77 4.22 21.22
C VAL C 27 18.21 4.46 19.78
N GLY C 28 19.50 4.27 19.48
CA GLY C 28 19.97 4.46 18.12
C GLY C 28 19.41 3.45 17.15
N ARG C 29 19.38 2.17 17.56
CA ARG C 29 18.82 1.14 16.68
C ARG C 29 17.32 1.32 16.51
N VAL C 30 16.64 1.75 17.58
CA VAL C 30 15.21 2.06 17.47
C VAL C 30 14.99 3.21 16.49
N HIS C 31 15.83 4.23 16.56
CA HIS C 31 15.73 5.36 15.63
C HIS C 31 15.95 4.90 14.19
N ARG C 32 16.95 4.05 13.97
CA ARG C 32 17.21 3.56 12.62
C ARG C 32 16.05 2.72 12.10
N LEU C 33 15.48 1.87 12.96
CA LEU C 33 14.34 1.06 12.56
C LEU C 33 13.12 1.93 12.25
N LEU C 34 12.90 2.99 13.05
CA LEU C 34 11.81 3.90 12.78
C LEU C 34 12.01 4.62 11.45
N ARG C 35 13.24 5.06 11.16
CA ARG C 35 13.50 5.76 9.92
C ARG C 35 13.35 4.83 8.72
N LYS C 36 13.80 3.58 8.84
CA LYS C 36 13.75 2.64 7.72
C LYS C 36 12.44 1.88 7.63
N GLY C 37 11.53 2.05 8.58
CA GLY C 37 10.25 1.37 8.54
C GLY C 37 9.18 2.03 7.71
N ASN C 38 9.49 3.20 7.11
CA ASN C 38 8.55 3.95 6.29
C ASN C 38 7.26 4.28 7.07
N TYR C 39 7.44 4.73 8.32
CA TYR C 39 6.32 5.17 9.13
C TYR C 39 6.03 6.65 8.93
N ALA C 40 7.07 7.47 8.87
CA ALA C 40 6.93 8.87 8.51
C ALA C 40 8.18 9.28 7.75
N GLU C 41 8.05 10.32 6.91
CA GLU C 41 9.18 10.72 6.09
C GLU C 41 10.25 11.45 6.89
N ARG C 42 9.93 11.90 8.10
CA ARG C 42 10.93 12.41 9.02
C ARG C 42 10.50 12.08 10.45
N VAL C 43 11.48 11.75 11.29
CA VAL C 43 11.23 11.24 12.64
C VAL C 43 11.90 12.18 13.64
N GLY C 44 11.13 12.60 14.64
CA GLY C 44 11.66 13.50 15.65
C GLY C 44 12.66 12.83 16.55
N ALA C 45 13.42 13.66 17.27
CA ALA C 45 14.48 13.16 18.13
C ALA C 45 13.96 12.54 19.42
N GLY C 46 12.81 13.01 19.92
CA GLY C 46 12.27 12.51 21.17
C GLY C 46 11.51 11.20 21.07
N ALA C 47 11.14 10.79 19.86
CA ALA C 47 10.42 9.52 19.70
C ALA C 47 11.26 8.29 20.08
N PRO C 48 12.51 8.12 19.62
CA PRO C 48 13.23 6.88 19.94
C PRO C 48 13.46 6.65 21.42
N VAL C 49 13.77 7.70 22.19
CA VAL C 49 14.02 7.51 23.62
C VAL C 49 12.73 7.11 24.34
N TYR C 50 11.61 7.74 23.98
CA TYR C 50 10.33 7.37 24.57
C TYR C 50 9.97 5.93 24.24
N LEU C 51 10.15 5.53 22.99
CA LEU C 51 9.81 4.17 22.58
C LEU C 51 10.71 3.15 23.27
N ALA C 52 12.00 3.45 23.38
CA ALA C 52 12.92 2.54 24.06
C ALA C 52 12.59 2.43 25.54
N ALA C 53 12.21 3.54 26.18
CA ALA C 53 11.80 3.47 27.58
C ALA C 53 10.55 2.62 27.77
N VAL C 54 9.58 2.77 26.86
CA VAL C 54 8.36 1.96 26.96
C VAL C 54 8.68 0.48 26.78
N LEU C 55 9.52 0.15 25.79
CA LEU C 55 9.90 -1.24 25.56
C LEU C 55 10.65 -1.80 26.77
N GLU C 56 11.55 -1.00 27.35
CA GLU C 56 12.29 -1.43 28.53
C GLU C 56 11.36 -1.70 29.70
N TYR C 57 10.36 -0.83 29.89
CA TYR C 57 9.41 -1.04 30.98
C TYR C 57 8.62 -2.33 30.77
N LEU C 58 8.13 -2.57 29.55
CA LEU C 58 7.36 -3.77 29.29
C LEU C 58 8.19 -5.03 29.50
N THR C 59 9.43 -5.03 28.98
CA THR C 59 10.30 -6.19 29.16
C THR C 59 10.64 -6.40 30.62
N ALA C 60 10.91 -5.33 31.37
CA ALA C 60 11.22 -5.46 32.79
C ALA C 60 10.04 -6.04 33.55
N GLU C 61 8.83 -5.57 33.26
CA GLU C 61 7.65 -6.08 33.95
C GLU C 61 7.43 -7.55 33.66
N ILE C 62 7.45 -7.94 32.37
CA ILE C 62 7.20 -9.33 32.02
C ILE C 62 8.31 -10.24 32.53
N LEU C 63 9.56 -9.76 32.54
CA LEU C 63 10.65 -10.57 33.04
C LEU C 63 10.60 -10.72 34.55
N GLU C 64 10.16 -9.68 35.26
CA GLU C 64 9.98 -9.81 36.71
C GLU C 64 8.92 -10.84 37.04
N LEU C 65 7.78 -10.79 36.33
CA LEU C 65 6.75 -11.80 36.58
C LEU C 65 7.22 -13.20 36.20
N ALA C 66 7.95 -13.33 35.09
CA ALA C 66 8.47 -14.63 34.69
C ALA C 66 9.46 -15.17 35.71
N GLY C 67 10.33 -14.31 36.23
CA GLY C 67 11.27 -14.74 37.26
C GLY C 67 10.57 -15.15 38.54
N ASN C 68 9.51 -14.42 38.93
CA ASN C 68 8.74 -14.81 40.10
C ASN C 68 8.10 -16.18 39.91
N ALA C 69 7.54 -16.42 38.72
CA ALA C 69 6.94 -17.72 38.44
C ALA C 69 7.99 -18.83 38.46
N ALA C 70 9.17 -18.57 37.88
CA ALA C 70 10.23 -19.57 37.86
C ALA C 70 10.73 -19.87 39.28
N ARG C 71 10.85 -18.84 40.12
CA ARG C 71 11.25 -19.07 41.50
C ARG C 71 10.19 -19.86 42.25
N ASP C 72 8.90 -19.58 41.98
CA ASP C 72 7.83 -20.37 42.57
C ASP C 72 7.82 -21.79 42.04
N ASN C 73 8.40 -22.04 40.88
CA ASN C 73 8.50 -23.38 40.31
C ASN C 73 9.82 -24.06 40.63
N LYS C 74 10.63 -23.47 41.51
CA LYS C 74 11.91 -24.02 41.96
C LYS C 74 12.87 -24.26 40.79
N LYS C 75 12.92 -23.29 39.87
CA LYS C 75 13.87 -23.32 38.77
C LYS C 75 14.54 -21.96 38.64
N THR C 76 15.81 -21.98 38.23
CA THR C 76 16.60 -20.77 38.07
C THR C 76 16.93 -20.53 36.60
N ARG C 77 15.98 -20.84 35.72
CA ARG C 77 16.17 -20.65 34.28
C ARG C 77 14.80 -20.52 33.65
N ILE C 78 14.52 -19.35 33.07
CA ILE C 78 13.19 -19.05 32.55
C ILE C 78 12.92 -19.89 31.30
N ILE C 79 11.78 -20.53 31.27
CA ILE C 79 11.35 -21.35 30.13
C ILE C 79 10.04 -20.78 29.62
N PRO C 80 9.64 -21.11 28.39
CA PRO C 80 8.39 -20.54 27.85
C PRO C 80 7.15 -20.81 28.70
N ARG C 81 7.12 -21.90 29.46
CA ARG C 81 6.01 -22.15 30.36
C ARG C 81 5.88 -21.06 31.40
N HIS C 82 7.02 -20.61 31.95
CA HIS C 82 6.99 -19.53 32.92
C HIS C 82 6.50 -18.22 32.30
N LEU C 83 6.91 -17.95 31.05
CA LEU C 83 6.43 -16.76 30.37
C LEU C 83 4.92 -16.81 30.15
N GLN C 84 4.40 -17.97 29.74
CA GLN C 84 2.97 -18.12 29.55
C GLN C 84 2.23 -17.95 30.87
N LEU C 85 2.76 -18.52 31.96
CA LEU C 85 2.13 -18.36 33.28
C LEU C 85 2.11 -16.89 33.69
N ALA C 86 3.23 -16.19 33.49
CA ALA C 86 3.31 -14.78 33.87
C ALA C 86 2.34 -13.94 33.05
N ILE C 87 2.23 -14.22 31.75
CA ILE C 87 1.35 -13.43 30.90
C ILE C 87 -0.11 -13.67 31.25
N ARG C 88 -0.50 -14.93 31.39
CA ARG C 88 -1.92 -15.23 31.61
C ARG C 88 -2.37 -14.93 33.04
N ASN C 89 -1.46 -14.99 34.01
CA ASN C 89 -1.86 -14.76 35.40
C ASN C 89 -2.22 -13.30 35.65
N ASP C 90 -1.47 -12.38 35.05
CA ASP C 90 -1.76 -10.96 35.21
C ASP C 90 -3.01 -10.59 34.41
N GLU C 91 -3.64 -9.49 34.82
CA GLU C 91 -4.88 -9.06 34.18
C GLU C 91 -4.65 -8.12 33.00
N GLU C 92 -3.81 -7.10 33.18
CA GLU C 92 -3.58 -6.14 32.12
C GLU C 92 -2.70 -6.73 31.02
N LEU C 93 -1.69 -7.50 31.40
CA LEU C 93 -0.83 -8.15 30.41
C LEU C 93 -1.62 -9.16 29.58
N ASN C 94 -2.57 -9.85 30.21
CA ASN C 94 -3.38 -10.82 29.47
C ASN C 94 -4.21 -10.13 28.39
N LYS C 95 -4.79 -8.98 28.71
CA LYS C 95 -5.62 -8.28 27.72
C LYS C 95 -4.74 -7.63 26.66
N LEU C 96 -3.55 -7.17 27.05
CA LEU C 96 -2.61 -6.63 26.07
C LEU C 96 -2.18 -7.72 25.08
N LEU C 97 -2.00 -8.94 25.57
CA LEU C 97 -1.56 -10.08 24.76
C LEU C 97 -2.65 -11.14 24.68
N GLY C 98 -3.89 -10.72 24.43
CA GLY C 98 -4.98 -11.67 24.35
C GLY C 98 -4.91 -12.56 23.13
N LYS C 99 -4.51 -12.01 21.99
CA LYS C 99 -4.55 -12.71 20.70
C LYS C 99 -3.18 -13.23 20.29
N VAL C 100 -2.38 -13.71 21.24
CA VAL C 100 -1.06 -14.27 20.96
C VAL C 100 -1.01 -15.69 21.51
N THR C 101 -0.34 -16.57 20.78
CA THR C 101 -0.10 -17.94 21.22
C THR C 101 1.41 -18.11 21.44
N ILE C 102 1.79 -18.52 22.64
CA ILE C 102 3.19 -18.72 22.99
C ILE C 102 3.57 -20.16 22.66
N ALA C 103 4.64 -20.33 21.88
CA ALA C 103 5.10 -21.66 21.52
C ALA C 103 5.60 -22.40 22.75
N GLN C 104 5.12 -23.64 22.92
CA GLN C 104 5.44 -24.47 24.08
C GLN C 104 5.09 -23.77 25.39
N GLY C 105 3.97 -23.04 25.37
CA GLY C 105 3.54 -22.29 26.54
C GLY C 105 2.60 -23.07 27.44
N GLY C 106 1.78 -23.93 26.84
CA GLY C 106 0.83 -24.70 27.61
C GLY C 106 -0.42 -23.91 27.96
N VAL C 107 -1.22 -24.49 28.84
CA VAL C 107 -2.49 -23.92 29.28
C VAL C 107 -2.52 -23.92 30.79
N LEU C 108 -2.93 -22.79 31.37
CA LEU C 108 -3.00 -22.67 32.82
C LEU C 108 -4.02 -23.65 33.38
N PRO C 109 -3.75 -24.28 34.52
CA PRO C 109 -4.71 -25.22 35.11
C PRO C 109 -5.99 -24.51 35.52
N ASN C 110 -7.09 -24.89 34.88
CA ASN C 110 -8.40 -24.27 35.15
C ASN C 110 -9.46 -25.32 34.88
N ILE C 111 -10.09 -25.83 35.94
CA ILE C 111 -11.12 -26.85 35.84
C ILE C 111 -12.43 -26.24 36.33
N GLN C 112 -13.49 -26.41 35.54
CA GLN C 112 -14.80 -25.89 35.92
C GLN C 112 -15.29 -26.58 37.19
N ALA C 113 -16.03 -25.81 38.01
CA ALA C 113 -16.51 -26.32 39.28
C ALA C 113 -17.50 -27.47 39.11
N VAL C 114 -18.28 -27.45 38.03
CA VAL C 114 -19.24 -28.52 37.78
C VAL C 114 -18.51 -29.84 37.51
N LEU C 115 -17.40 -29.78 36.77
CA LEU C 115 -16.63 -30.98 36.44
C LEU C 115 -15.90 -31.56 37.63
N LEU C 116 -15.80 -30.84 38.73
CA LEU C 116 -15.19 -31.39 39.93
C LEU C 116 -16.06 -32.51 40.49
N PRO C 117 -15.48 -33.46 41.21
CA PRO C 117 -16.29 -34.54 41.81
C PRO C 117 -17.26 -33.98 42.83
N LYS C 118 -18.56 -34.21 42.57
CA LYS C 118 -19.61 -33.61 43.39
C LYS C 118 -19.60 -34.17 44.81
N LYS C 119 -19.38 -35.47 44.95
CA LYS C 119 -19.35 -36.15 46.25
C LYS C 119 -20.63 -35.92 47.04
N SER D 32 24.29 -13.64 7.45
CA SER D 32 24.65 -12.24 7.62
C SER D 32 24.53 -11.82 9.08
N ARG D 33 24.67 -10.52 9.33
CA ARG D 33 24.60 -9.98 10.69
CA ARG D 33 24.60 -9.97 10.69
C ARG D 33 23.14 -9.69 11.03
N LYS D 34 22.44 -10.75 11.43
CA LYS D 34 21.06 -10.59 11.87
C LYS D 34 21.02 -9.92 13.23
N GLU D 35 20.09 -8.98 13.39
CA GLU D 35 19.98 -8.17 14.60
C GLU D 35 18.95 -8.77 15.55
N SER D 36 19.19 -8.58 16.85
CA SER D 36 18.32 -9.13 17.87
C SER D 36 18.47 -8.32 19.15
N TYR D 37 17.41 -8.29 19.94
CA TYR D 37 17.40 -7.63 21.25
C TYR D 37 17.86 -8.56 22.37
N SER D 38 18.61 -9.61 22.04
CA SER D 38 18.94 -10.63 23.02
C SER D 38 19.81 -10.07 24.15
N VAL D 39 20.83 -9.29 23.80
CA VAL D 39 21.74 -8.76 24.81
C VAL D 39 21.01 -7.77 25.71
N TYR D 40 20.09 -6.98 25.14
CA TYR D 40 19.36 -6.01 25.94
C TYR D 40 18.36 -6.69 26.86
N VAL D 41 17.70 -7.75 26.38
CA VAL D 41 16.80 -8.52 27.23
C VAL D 41 17.58 -9.16 28.38
N TYR D 42 18.76 -9.70 28.09
CA TYR D 42 19.58 -10.29 29.13
C TYR D 42 20.02 -9.25 30.15
N LYS D 43 20.39 -8.05 29.68
CA LYS D 43 20.79 -6.99 30.59
C LYS D 43 19.64 -6.56 31.49
N VAL D 44 18.44 -6.44 30.93
CA VAL D 44 17.27 -6.10 31.74
C VAL D 44 16.97 -7.21 32.74
N LEU D 45 17.13 -8.47 32.33
CA LEU D 45 16.87 -9.58 33.24
C LEU D 45 17.84 -9.56 34.41
N LYS D 46 19.12 -9.32 34.15
CA LYS D 46 20.07 -9.18 35.25
C LYS D 46 19.88 -7.89 36.03
N GLN D 47 19.17 -6.92 35.48
CA GLN D 47 18.84 -5.72 36.24
C GLN D 47 17.72 -5.97 37.25
N VAL D 48 16.84 -6.93 36.97
CA VAL D 48 15.68 -7.20 37.82
C VAL D 48 15.91 -8.41 38.72
N HIS D 49 16.27 -9.55 38.12
CA HIS D 49 16.50 -10.80 38.86
C HIS D 49 17.96 -11.18 38.67
N PRO D 50 18.84 -10.80 39.59
CA PRO D 50 20.29 -11.05 39.39
C PRO D 50 20.66 -12.52 39.35
N ASP D 51 19.85 -13.42 39.90
CA ASP D 51 20.23 -14.83 40.05
C ASP D 51 19.25 -15.74 39.31
N THR D 52 18.91 -15.39 38.07
CA THR D 52 18.05 -16.21 37.24
C THR D 52 18.66 -16.33 35.84
N GLY D 53 18.33 -17.42 35.16
CA GLY D 53 18.74 -17.64 33.79
C GLY D 53 17.57 -17.60 32.82
N ILE D 54 17.90 -17.83 31.56
CA ILE D 54 16.89 -17.81 30.49
C ILE D 54 17.37 -18.72 29.37
N SER D 55 16.43 -19.47 28.78
CA SER D 55 16.75 -20.40 27.72
C SER D 55 16.66 -19.73 26.36
N SER D 56 17.01 -20.47 25.32
CA SER D 56 16.99 -19.92 23.97
C SER D 56 15.56 -19.66 23.49
N LYS D 57 14.64 -20.60 23.75
CA LYS D 57 13.26 -20.43 23.31
C LYS D 57 12.60 -19.25 24.00
N ALA D 58 12.84 -19.08 25.30
CA ALA D 58 12.30 -17.93 26.02
C ALA D 58 12.87 -16.62 25.49
N MET D 59 14.16 -16.62 25.15
CA MET D 59 14.77 -15.44 24.56
C MET D 59 14.16 -15.11 23.20
N GLY D 60 13.91 -16.13 22.39
CA GLY D 60 13.26 -15.89 21.11
C GLY D 60 11.84 -15.37 21.27
N ILE D 61 11.12 -15.88 22.26
CA ILE D 61 9.77 -15.39 22.53
C ILE D 61 9.81 -13.93 22.98
N MET D 62 10.78 -13.58 23.82
CA MET D 62 10.94 -12.20 24.24
C MET D 62 11.27 -11.30 23.06
N ASN D 63 12.14 -11.77 22.16
CA ASN D 63 12.49 -10.99 20.97
C ASN D 63 11.25 -10.77 20.10
N SER D 64 10.44 -11.80 19.90
CA SER D 64 9.24 -11.66 19.10
C SER D 64 8.25 -10.71 19.76
N PHE D 65 8.13 -10.77 21.09
CA PHE D 65 7.25 -9.85 21.80
C PHE D 65 7.70 -8.41 21.64
N VAL D 66 9.01 -8.16 21.76
CA VAL D 66 9.55 -6.82 21.59
C VAL D 66 9.26 -6.31 20.18
N ASN D 67 9.51 -7.16 19.18
CA ASN D 67 9.27 -6.77 17.80
C ASN D 67 7.79 -6.47 17.56
N ASP D 68 6.89 -7.29 18.10
CA ASP D 68 5.47 -7.08 17.89
C ASP D 68 5.00 -5.79 18.55
N ILE D 69 5.44 -5.51 19.78
CA ILE D 69 5.05 -4.28 20.45
C ILE D 69 5.60 -3.07 19.71
N PHE D 70 6.85 -3.16 19.24
CA PHE D 70 7.42 -2.05 18.47
C PHE D 70 6.64 -1.81 17.19
N GLU D 71 6.27 -2.88 16.48
CA GLU D 71 5.49 -2.72 15.26
C GLU D 71 4.13 -2.08 15.54
N ARG D 72 3.45 -2.53 16.59
CA ARG D 72 2.14 -1.97 16.92
C ARG D 72 2.24 -0.48 17.26
N ILE D 73 3.19 -0.13 18.12
CA ILE D 73 3.31 1.27 18.55
C ILE D 73 3.73 2.15 17.38
N ALA D 74 4.69 1.69 16.57
CA ALA D 74 5.13 2.50 15.43
C ALA D 74 4.03 2.67 14.40
N GLY D 75 3.27 1.61 14.12
CA GLY D 75 2.16 1.74 13.19
C GLY D 75 1.09 2.68 13.68
N GLU D 76 0.76 2.61 14.97
CA GLU D 76 -0.23 3.53 15.51
C GLU D 76 0.27 4.97 15.49
N ALA D 77 1.55 5.18 15.77
CA ALA D 77 2.11 6.53 15.70
C ALA D 77 2.10 7.06 14.28
N SER D 78 2.44 6.21 13.30
CA SER D 78 2.40 6.64 11.91
C SER D 78 0.98 6.98 11.48
N ARG D 79 0.01 6.17 11.92
CA ARG D 79 -1.38 6.48 11.62
C ARG D 79 -1.81 7.80 12.26
N LEU D 80 -1.37 8.06 13.49
CA LEU D 80 -1.69 9.34 14.12
C LEU D 80 -1.09 10.50 13.34
N ALA D 81 0.16 10.36 12.89
CA ALA D 81 0.80 11.41 12.12
C ALA D 81 0.08 11.68 10.81
N HIS D 82 -0.34 10.62 10.12
CA HIS D 82 -1.06 10.79 8.86
C HIS D 82 -2.45 11.39 9.10
N TYR D 83 -3.14 10.94 10.15
CA TYR D 83 -4.48 11.39 10.47
C TYR D 83 -4.51 12.87 10.84
N ASN D 84 -3.52 13.33 11.61
CA ASN D 84 -3.46 14.72 12.03
C ASN D 84 -2.76 15.61 11.01
N LYS D 85 -2.60 15.14 9.78
CA LYS D 85 -1.98 15.89 8.68
C LYS D 85 -0.55 16.32 8.99
N ARG D 86 0.08 15.70 9.99
CA ARG D 86 1.46 16.01 10.32
C ARG D 86 2.40 15.19 9.45
N SER D 87 3.66 15.60 9.41
CA SER D 87 4.69 14.91 8.65
C SER D 87 5.81 14.36 9.54
N THR D 88 5.70 14.52 10.85
CA THR D 88 6.74 14.08 11.77
C THR D 88 6.09 13.33 12.92
N ILE D 89 6.75 12.25 13.37
CA ILE D 89 6.35 11.57 14.60
C ILE D 89 7.30 12.02 15.71
N THR D 90 6.73 12.51 16.79
CA THR D 90 7.48 13.09 17.89
C THR D 90 7.13 12.34 19.18
N SER D 91 7.62 12.87 20.31
CA SER D 91 7.31 12.28 21.60
C SER D 91 5.82 12.32 21.89
N ARG D 92 5.12 13.33 21.39
CA ARG D 92 3.67 13.41 21.61
C ARG D 92 2.95 12.25 20.94
N GLU D 93 3.31 11.93 19.69
CA GLU D 93 2.65 10.85 18.98
C GLU D 93 2.91 9.50 19.65
N ILE D 94 4.16 9.26 20.06
CA ILE D 94 4.49 8.01 20.73
C ILE D 94 3.78 7.91 22.07
N GLN D 95 3.71 9.01 22.82
CA GLN D 95 3.02 9.02 24.10
C GLN D 95 1.53 8.74 23.92
N THR D 96 0.91 9.35 22.91
CA THR D 96 -0.50 9.10 22.67
C THR D 96 -0.74 7.65 22.24
N ALA D 97 0.15 7.11 21.40
CA ALA D 97 0.01 5.72 20.97
C ALA D 97 0.15 4.77 22.15
N VAL D 98 1.08 5.07 23.06
CA VAL D 98 1.25 4.25 24.27
C VAL D 98 0.00 4.33 25.15
N ARG D 99 -0.54 5.54 25.33
CA ARG D 99 -1.75 5.71 26.12
C ARG D 99 -2.95 5.02 25.48
N LEU D 100 -2.94 4.88 24.16
CA LEU D 100 -4.07 4.31 23.44
C LEU D 100 -3.98 2.80 23.26
N LEU D 101 -2.78 2.23 23.31
CA LEU D 101 -2.64 0.78 23.16
C LEU D 101 -2.57 0.07 24.51
N LEU D 102 -1.63 0.47 25.37
CA LEU D 102 -1.46 -0.20 26.65
C LEU D 102 -2.65 0.06 27.55
N PRO D 103 -3.08 -0.93 28.33
CA PRO D 103 -4.28 -0.77 29.16
C PRO D 103 -4.04 -0.21 30.56
N GLY D 104 -4.68 0.91 30.87
CA GLY D 104 -4.83 1.35 32.26
C GLY D 104 -3.52 1.69 32.95
N GLU D 105 -3.29 1.04 34.09
CA GLU D 105 -2.15 1.37 34.94
C GLU D 105 -0.83 1.07 34.24
N LEU D 106 -0.79 0.04 33.40
CA LEU D 106 0.40 -0.21 32.60
C LEU D 106 0.71 0.97 31.68
N ALA D 107 -0.32 1.52 31.04
CA ALA D 107 -0.15 2.69 30.20
C ALA D 107 0.31 3.89 31.03
N LYS D 108 -0.26 4.07 32.22
CA LYS D 108 0.14 5.19 33.07
C LYS D 108 1.61 5.10 33.44
N HIS D 109 2.06 3.92 33.87
CA HIS D 109 3.46 3.74 34.23
C HIS D 109 4.38 3.93 33.03
N ALA D 110 3.98 3.38 31.87
CA ALA D 110 4.80 3.53 30.67
C ALA D 110 4.93 4.99 30.26
N VAL D 111 3.84 5.74 30.32
CA VAL D 111 3.88 7.15 29.96
C VAL D 111 4.75 7.92 30.94
N SER D 112 4.60 7.65 32.24
CA SER D 112 5.38 8.37 33.24
C SER D 112 6.88 8.10 33.06
N GLU D 113 7.25 6.84 32.86
CA GLU D 113 8.67 6.53 32.73
C GLU D 113 9.23 7.01 31.39
N GLY D 114 8.44 6.98 30.33
CA GLY D 114 8.90 7.55 29.07
C GLY D 114 9.12 9.06 29.16
N THR D 115 8.22 9.76 29.85
CA THR D 115 8.42 11.19 30.07
C THR D 115 9.67 11.44 30.89
N LYS D 116 9.89 10.62 31.93
CA LYS D 116 11.11 10.75 32.73
C LYS D 116 12.36 10.54 31.89
N ALA D 117 12.35 9.53 31.02
CA ALA D 117 13.50 9.25 30.17
C ALA D 117 13.75 10.38 29.17
N VAL D 118 12.68 10.92 28.59
CA VAL D 118 12.83 12.03 27.65
C VAL D 118 13.39 13.26 28.37
N THR D 119 12.90 13.54 29.58
CA THR D 119 13.42 14.67 30.34
C THR D 119 14.90 14.47 30.68
N LYS D 120 15.28 13.26 31.08
CA LYS D 120 16.68 12.99 31.40
C LYS D 120 17.56 13.14 30.16
N TYR D 121 17.09 12.66 29.01
CA TYR D 121 17.87 12.75 27.78
C TYR D 121 18.02 14.20 27.34
N THR D 122 16.92 14.98 27.37
CA THR D 122 17.00 16.37 26.95
C THR D 122 17.72 17.25 27.96
N SER D 123 17.90 16.76 29.20
CA SER D 123 18.71 17.50 30.17
C SER D 123 20.20 17.38 29.86
N SER D 124 20.59 16.39 29.06
CA SER D 124 21.99 16.17 28.66
C SER D 124 22.92 16.02 29.86
N LYS E 36 -13.99 -55.94 44.28
CA LYS E 36 -14.11 -57.04 43.32
C LYS E 36 -12.74 -57.59 42.96
N LYS E 37 -12.70 -58.47 41.95
CA LYS E 37 -11.41 -59.02 41.52
C LYS E 37 -10.49 -57.94 40.95
N PRO E 38 -10.91 -57.05 40.02
CA PRO E 38 -10.02 -55.96 39.63
C PRO E 38 -10.27 -54.69 40.42
N HIS E 39 -9.28 -53.79 40.45
CA HIS E 39 -9.43 -52.47 41.06
C HIS E 39 -9.77 -51.49 39.95
N ARG E 40 -11.07 -51.26 39.76
CA ARG E 40 -11.56 -50.40 38.70
C ARG E 40 -11.94 -49.04 39.27
N TYR E 41 -11.33 -47.99 38.74
CA TYR E 41 -11.69 -46.64 39.14
C TYR E 41 -13.08 -46.29 38.62
N ARG E 42 -13.77 -45.42 39.36
CA ARG E 42 -15.07 -44.94 38.91
C ARG E 42 -14.91 -44.07 37.67
N PRO E 43 -15.88 -44.13 36.75
CA PRO E 43 -15.79 -43.29 35.54
C PRO E 43 -15.87 -41.81 35.85
N GLY E 44 -14.79 -41.08 35.60
CA GLY E 44 -14.74 -39.67 35.87
C GLY E 44 -13.49 -39.23 36.60
N THR E 45 -12.97 -40.09 37.48
CA THR E 45 -11.73 -39.77 38.17
C THR E 45 -10.53 -39.92 37.25
N VAL E 46 -10.60 -40.86 36.32
CA VAL E 46 -9.53 -41.13 35.36
C VAL E 46 -9.59 -40.04 34.29
N ALA E 47 -10.60 -39.18 34.37
CA ALA E 47 -10.63 -37.97 33.57
C ALA E 47 -9.83 -36.85 34.24
N LEU E 48 -10.21 -36.50 35.48
CA LEU E 48 -9.53 -35.42 36.20
C LEU E 48 -8.06 -35.74 36.39
N ARG E 49 -7.74 -36.97 36.78
CA ARG E 49 -6.41 -37.48 36.57
C ARG E 49 -6.19 -37.59 35.07
N GLU E 50 -5.07 -37.04 34.61
CA GLU E 50 -4.58 -36.73 33.27
C GLU E 50 -5.23 -35.48 32.67
N ILE E 51 -6.32 -34.94 33.23
CA ILE E 51 -6.62 -33.53 32.96
C ILE E 51 -5.57 -32.67 33.64
N ARG E 52 -5.26 -33.01 34.89
CA ARG E 52 -4.17 -32.34 35.59
C ARG E 52 -2.84 -32.52 34.84
N ARG E 53 -2.59 -33.73 34.32
CA ARG E 53 -1.35 -33.99 33.62
C ARG E 53 -1.25 -33.18 32.33
N TYR E 54 -2.28 -33.26 31.47
CA TYR E 54 -2.19 -32.59 30.19
C TYR E 54 -2.37 -31.08 30.29
N GLN E 55 -2.84 -30.56 31.43
CA GLN E 55 -2.78 -29.13 31.66
C GLN E 55 -1.46 -28.70 32.28
N LYS E 56 -0.77 -29.59 32.98
CA LYS E 56 0.51 -29.25 33.59
C LYS E 56 1.66 -29.26 32.59
N SER E 57 1.62 -30.15 31.60
CA SER E 57 2.74 -30.33 30.69
C SER E 57 2.46 -29.66 29.34
N THR E 58 3.53 -29.48 28.56
CA THR E 58 3.49 -28.64 27.36
C THR E 58 3.98 -29.34 26.10
N GLU E 59 3.86 -30.66 26.00
CA GLU E 59 4.29 -31.33 24.79
C GLU E 59 3.28 -31.11 23.67
N LEU E 60 3.55 -31.71 22.51
CA LEU E 60 2.71 -31.47 21.33
C LEU E 60 1.36 -32.15 21.44
N LEU E 61 1.34 -33.40 21.90
CA LEU E 61 0.17 -34.27 22.02
C LEU E 61 -0.35 -34.76 20.67
N ILE E 62 0.32 -34.44 19.57
CA ILE E 62 -0.03 -34.93 18.25
C ILE E 62 1.22 -35.49 17.61
N ARG E 63 1.10 -36.68 17.01
CA ARG E 63 2.26 -37.35 16.41
C ARG E 63 2.82 -36.51 15.26
N LYS E 64 4.14 -36.61 15.07
CA LYS E 64 4.83 -35.72 14.15
C LYS E 64 4.56 -36.09 12.70
N LEU E 65 4.93 -37.30 12.30
CA LEU E 65 4.77 -37.71 10.90
C LEU E 65 3.33 -37.69 10.39
N PRO E 66 2.30 -38.13 11.13
CA PRO E 66 0.93 -37.96 10.60
C PRO E 66 0.56 -36.52 10.32
N PHE E 67 0.93 -35.59 11.21
CA PHE E 67 0.63 -34.19 10.97
C PHE E 67 1.43 -33.64 9.80
N GLN E 68 2.69 -34.03 9.68
CA GLN E 68 3.50 -33.59 8.55
C GLN E 68 2.93 -34.07 7.23
N ARG E 69 2.50 -35.34 7.20
CA ARG E 69 1.86 -35.88 6.00
C ARG E 69 0.56 -35.15 5.69
N LEU E 70 -0.23 -34.84 6.71
CA LEU E 70 -1.49 -34.13 6.49
C LEU E 70 -1.23 -32.73 5.91
N VAL E 71 -0.24 -32.03 6.46
CA VAL E 71 0.10 -30.70 5.94
C VAL E 71 0.57 -30.79 4.50
N ARG E 72 1.43 -31.77 4.19
CA ARG E 72 1.92 -31.92 2.82
C ARG E 72 0.78 -32.24 1.86
N GLU E 73 -0.15 -33.11 2.28
CA GLU E 73 -1.27 -33.49 1.42
C GLU E 73 -2.19 -32.30 1.19
N ILE E 74 -2.42 -31.48 2.22
CA ILE E 74 -3.27 -30.31 2.06
C ILE E 74 -2.62 -29.31 1.11
N ALA E 75 -1.31 -29.06 1.30
CA ALA E 75 -0.63 -28.09 0.45
C ALA E 75 -0.43 -28.59 -0.97
N GLN E 76 -0.49 -29.90 -1.21
CA GLN E 76 -0.38 -30.42 -2.56
C GLN E 76 -1.51 -29.93 -3.45
N ASP E 77 -2.68 -29.64 -2.87
CA ASP E 77 -3.81 -29.17 -3.67
C ASP E 77 -3.53 -27.81 -4.29
N PHE E 78 -2.85 -26.92 -3.56
CA PHE E 78 -2.63 -25.57 -4.07
C PHE E 78 -1.56 -25.52 -5.14
N LYS E 79 -0.33 -25.92 -4.79
CA LYS E 79 0.79 -25.94 -5.73
C LYS E 79 1.51 -27.27 -5.62
N THR E 80 1.76 -27.89 -6.77
CA THR E 80 2.48 -29.16 -6.78
C THR E 80 3.97 -28.93 -6.56
N ASP E 81 4.62 -29.95 -5.99
CA ASP E 81 6.07 -29.95 -5.74
C ASP E 81 6.50 -28.77 -4.87
N LEU E 82 5.99 -28.77 -3.64
CA LEU E 82 6.34 -27.76 -2.65
C LEU E 82 7.05 -28.43 -1.48
N ARG E 83 8.18 -27.86 -1.07
CA ARG E 83 8.97 -28.37 0.04
C ARG E 83 8.64 -27.60 1.31
N PHE E 84 8.58 -28.31 2.43
CA PHE E 84 8.30 -27.71 3.73
C PHE E 84 9.49 -27.83 4.64
N GLN E 85 9.89 -26.71 5.24
CA GLN E 85 10.87 -26.75 6.30
C GLN E 85 10.27 -27.37 7.55
N SER E 86 11.13 -27.98 8.37
CA SER E 86 10.67 -28.60 9.61
C SER E 86 10.10 -27.55 10.56
N SER E 87 10.73 -26.37 10.61
CA SER E 87 10.26 -25.30 11.49
C SER E 87 8.87 -24.83 11.09
N ALA E 88 8.58 -24.78 9.79
CA ALA E 88 7.24 -24.39 9.34
C ALA E 88 6.19 -25.40 9.79
N VAL E 89 6.50 -26.69 9.68
CA VAL E 89 5.56 -27.71 10.13
C VAL E 89 5.36 -27.62 11.64
N MET E 90 6.43 -27.38 12.39
CA MET E 90 6.30 -27.22 13.84
C MET E 90 5.44 -26.01 14.19
N ALA E 91 5.62 -24.90 13.48
CA ALA E 91 4.81 -23.71 13.73
C ALA E 91 3.34 -23.96 13.43
N LEU E 92 3.07 -24.65 12.31
CA LEU E 92 1.69 -25.02 12.00
C LEU E 92 1.11 -25.92 13.09
N GLN E 93 1.90 -26.85 13.60
CA GLN E 93 1.42 -27.75 14.65
C GLN E 93 1.08 -26.98 15.92
N GLU E 94 1.96 -26.05 16.32
CA GLU E 94 1.69 -25.25 17.52
C GLU E 94 0.43 -24.41 17.36
N ALA E 95 0.30 -23.74 16.21
CA ALA E 95 -0.87 -22.89 15.99
C ALA E 95 -2.16 -23.71 15.96
N SER E 96 -2.13 -24.85 15.27
CA SER E 96 -3.31 -25.71 15.21
C SER E 96 -3.69 -26.24 16.58
N GLU E 97 -2.71 -26.64 17.38
CA GLU E 97 -2.99 -27.15 18.72
C GLU E 97 -3.58 -26.06 19.61
N ALA E 98 -3.03 -24.84 19.53
CA ALA E 98 -3.59 -23.74 20.32
C ALA E 98 -5.02 -23.43 19.90
N TYR E 99 -5.29 -23.41 18.59
CA TYR E 99 -6.64 -23.13 18.11
C TYR E 99 -7.61 -24.21 18.56
N LEU E 100 -7.22 -25.48 18.47
CA LEU E 100 -8.09 -26.57 18.87
C LEU E 100 -8.34 -26.55 20.37
N VAL E 101 -7.32 -26.22 21.16
CA VAL E 101 -7.50 -26.14 22.61
C VAL E 101 -8.48 -25.02 22.96
N GLY E 102 -8.34 -23.86 22.33
CA GLY E 102 -9.28 -22.77 22.57
C GLY E 102 -10.70 -23.14 22.17
N LEU E 103 -10.85 -23.80 21.02
CA LEU E 103 -12.18 -24.22 20.57
C LEU E 103 -12.79 -25.21 21.54
N PHE E 104 -11.98 -26.14 22.06
CA PHE E 104 -12.50 -27.12 23.01
C PHE E 104 -12.86 -26.48 24.34
N GLU E 105 -12.11 -25.45 24.77
CA GLU E 105 -12.49 -24.72 25.98
C GLU E 105 -13.83 -24.02 25.79
N ASP E 106 -14.03 -23.38 24.64
CA ASP E 106 -15.32 -22.73 24.37
C ASP E 106 -16.44 -23.76 24.29
N THR E 107 -16.18 -24.91 23.69
CA THR E 107 -17.18 -25.97 23.61
C THR E 107 -17.56 -26.50 25.00
N ASN E 108 -16.57 -26.66 25.86
CA ASN E 108 -16.86 -27.11 27.24
C ASN E 108 -17.71 -26.05 27.95
N LEU E 109 -17.41 -24.76 27.76
CA LEU E 109 -18.20 -23.70 28.36
C LEU E 109 -19.64 -23.76 27.88
N ALA E 110 -19.83 -23.97 26.58
CA ALA E 110 -21.18 -24.07 26.03
C ALA E 110 -21.91 -25.29 26.60
N ALA E 111 -21.21 -26.41 26.73
CA ALA E 111 -21.82 -27.61 27.30
C ALA E 111 -22.24 -27.38 28.74
N ILE E 112 -21.39 -26.74 29.54
CA ILE E 112 -21.74 -26.42 30.91
C ILE E 112 -22.95 -25.48 30.96
N HIS E 113 -23.02 -24.55 30.01
CA HIS E 113 -24.19 -23.68 29.92
C HIS E 113 -25.45 -24.47 29.62
N ALA E 114 -25.36 -25.49 28.77
CA ALA E 114 -26.53 -26.27 28.38
C ALA E 114 -26.97 -27.28 29.43
N LYS E 115 -26.48 -27.16 30.67
CA LYS E 115 -26.78 -28.09 31.75
C LYS E 115 -26.41 -29.52 31.36
N ARG E 116 -25.14 -29.70 31.00
CA ARG E 116 -24.67 -30.95 30.44
C ARG E 116 -23.16 -31.02 30.60
N VAL E 117 -22.65 -32.23 30.74
CA VAL E 117 -21.21 -32.45 30.90
C VAL E 117 -20.59 -33.16 29.71
N THR E 118 -21.39 -33.55 28.72
CA THR E 118 -20.90 -34.21 27.52
C THR E 118 -20.92 -33.21 26.37
N ILE E 119 -19.77 -32.99 25.74
CA ILE E 119 -19.70 -32.10 24.60
C ILE E 119 -20.22 -32.82 23.36
N MET E 120 -20.86 -32.07 22.47
CA MET E 120 -21.52 -32.59 21.28
C MET E 120 -21.09 -31.76 20.08
N PRO E 121 -21.23 -32.30 18.87
CA PRO E 121 -20.87 -31.51 17.67
C PRO E 121 -21.66 -30.22 17.54
N LYS E 122 -22.93 -30.20 17.98
CA LYS E 122 -23.69 -28.97 17.94
C LYS E 122 -23.11 -27.91 18.87
N ASP E 123 -22.44 -28.33 19.94
CA ASP E 123 -21.77 -27.37 20.81
C ASP E 123 -20.61 -26.69 20.08
N ILE E 124 -19.82 -27.45 19.32
CA ILE E 124 -18.77 -26.84 18.51
C ILE E 124 -19.38 -25.93 17.44
N GLN E 125 -20.50 -26.36 16.84
CA GLN E 125 -21.16 -25.51 15.85
C GLN E 125 -21.60 -24.19 16.46
N LEU E 126 -22.19 -24.23 17.65
CA LEU E 126 -22.61 -23.00 18.32
C LEU E 126 -21.42 -22.12 18.68
N ALA E 127 -20.34 -22.72 19.18
CA ALA E 127 -19.16 -21.93 19.55
C ALA E 127 -18.55 -21.27 18.33
N ARG E 128 -18.46 -22.00 17.21
CA ARG E 128 -17.91 -21.42 15.98
C ARG E 128 -18.82 -20.33 15.42
N ARG E 129 -20.15 -20.52 15.53
CA ARG E 129 -21.07 -19.49 15.06
C ARG E 129 -20.97 -18.22 15.90
N ILE E 130 -20.83 -18.37 17.22
CA ILE E 130 -20.71 -17.20 18.07
C ILE E 130 -19.37 -16.50 17.85
N ARG E 131 -18.30 -17.28 17.69
CA ARG E 131 -16.97 -16.70 17.49
C ARG E 131 -16.86 -15.93 16.18
N GLY E 132 -17.76 -16.18 15.23
CA GLY E 132 -17.76 -15.50 13.96
C GLY E 132 -17.16 -16.26 12.81
N GLU E 133 -16.72 -17.50 13.03
CA GLU E 133 -16.14 -18.30 11.96
C GLU E 133 -17.20 -18.92 11.05
N ARG E 134 -18.46 -18.95 11.49
CA ARG E 134 -19.55 -19.47 10.67
C ARG E 134 -20.81 -18.62 10.83
N LYS F 20 4.19 -40.91 -4.07
CA LYS F 20 3.60 -39.60 -3.76
C LYS F 20 2.09 -39.71 -3.64
N VAL F 21 1.40 -38.76 -4.30
CA VAL F 21 -0.06 -38.62 -4.34
C VAL F 21 -0.73 -38.99 -3.02
N LEU F 22 -0.41 -38.24 -1.96
CA LEU F 22 -0.99 -38.47 -0.65
C LEU F 22 -2.50 -38.27 -0.69
N ARG F 23 -3.25 -39.24 -0.19
CA ARG F 23 -4.70 -39.26 -0.28
C ARG F 23 -5.28 -39.93 0.95
N ASP F 24 -6.43 -39.44 1.40
CA ASP F 24 -7.17 -39.99 2.54
C ASP F 24 -6.28 -40.04 3.77
N ASN F 25 -5.74 -38.87 4.13
CA ASN F 25 -4.74 -38.80 5.24
C ASN F 25 -5.25 -38.00 6.44
N ILE F 26 -6.43 -37.37 6.33
CA ILE F 26 -6.96 -36.67 7.50
C ILE F 26 -7.18 -37.63 8.67
N GLN F 27 -7.30 -38.92 8.40
CA GLN F 27 -7.47 -39.92 9.45
C GLN F 27 -6.24 -40.10 10.31
N GLY F 28 -5.10 -39.51 9.93
CA GLY F 28 -3.89 -39.60 10.74
C GLY F 28 -4.03 -38.92 12.09
N ILE F 29 -4.95 -37.97 12.22
CA ILE F 29 -5.23 -37.35 13.52
C ILE F 29 -6.12 -38.32 14.30
N THR F 30 -5.49 -39.18 15.09
CA THR F 30 -6.18 -40.29 15.71
C THR F 30 -7.14 -39.82 16.80
N LYS F 31 -8.09 -40.70 17.14
CA LYS F 31 -9.02 -40.40 18.22
C LYS F 31 -8.34 -40.15 19.57
N PRO F 32 -7.34 -40.92 20.01
CA PRO F 32 -6.64 -40.55 21.25
C PRO F 32 -6.01 -39.16 21.21
N ALA F 33 -5.54 -38.71 20.05
CA ALA F 33 -4.99 -37.36 19.95
C ALA F 33 -6.06 -36.31 20.20
N ILE F 34 -7.25 -36.51 19.62
CA ILE F 34 -8.36 -35.59 19.86
C ILE F 34 -8.77 -35.63 21.33
N ARG F 35 -8.77 -36.82 21.92
CA ARG F 35 -9.09 -36.95 23.34
C ARG F 35 -8.09 -36.20 24.20
N ARG F 36 -6.80 -36.31 23.88
CA ARG F 36 -5.77 -35.60 24.64
C ARG F 36 -5.92 -34.10 24.50
N LEU F 37 -6.21 -33.62 23.28
CA LEU F 37 -6.41 -32.19 23.09
C LEU F 37 -7.62 -31.69 23.87
N ALA F 38 -8.70 -32.47 23.89
CA ALA F 38 -9.88 -32.08 24.66
C ALA F 38 -9.60 -32.10 26.16
N ARG F 39 -8.82 -33.07 26.63
CA ARG F 39 -8.46 -33.12 28.04
C ARG F 39 -7.62 -31.92 28.44
N ARG F 40 -6.69 -31.51 27.56
CA ARG F 40 -5.97 -30.26 27.80
C ARG F 40 -6.93 -29.08 27.79
N GLY F 41 -7.96 -29.13 26.95
CA GLY F 41 -9.00 -28.13 27.01
C GLY F 41 -9.75 -28.16 28.33
N GLY F 42 -9.98 -29.35 28.87
CA GLY F 42 -10.57 -29.47 30.19
C GLY F 42 -11.98 -30.04 30.24
N VAL F 43 -12.29 -31.00 29.39
CA VAL F 43 -13.62 -31.61 29.34
C VAL F 43 -13.62 -32.91 30.12
N LYS F 44 -14.80 -33.29 30.61
CA LYS F 44 -14.96 -34.53 31.38
C LYS F 44 -15.11 -35.76 30.48
N ARG F 45 -16.18 -35.80 29.68
CA ARG F 45 -16.46 -36.94 28.84
C ARG F 45 -16.84 -36.47 27.45
N ILE F 46 -16.51 -37.29 26.46
CA ILE F 46 -16.47 -36.88 25.07
C ILE F 46 -17.40 -37.78 24.27
N SER F 47 -18.27 -37.19 23.46
CA SER F 47 -19.19 -37.95 22.64
C SER F 47 -18.45 -38.66 21.51
N GLY F 48 -19.12 -39.66 20.92
CA GLY F 48 -18.50 -40.45 19.88
C GLY F 48 -18.58 -39.86 18.49
N LEU F 49 -19.43 -38.86 18.27
CA LEU F 49 -19.60 -38.24 16.97
C LEU F 49 -18.79 -36.97 16.82
N ILE F 50 -17.96 -36.63 17.80
CA ILE F 50 -17.28 -35.34 17.80
C ILE F 50 -16.01 -35.36 16.93
N TYR F 51 -15.47 -36.55 16.65
CA TYR F 51 -14.17 -36.64 16.01
C TYR F 51 -14.23 -36.19 14.55
N GLU F 52 -15.30 -36.55 13.85
CA GLU F 52 -15.44 -36.10 12.46
C GLU F 52 -15.57 -34.58 12.39
N GLU F 53 -16.34 -33.98 13.30
CA GLU F 53 -16.46 -32.53 13.34
C GLU F 53 -15.12 -31.87 13.63
N THR F 54 -14.37 -32.43 14.59
CA THR F 54 -13.07 -31.86 14.93
C THR F 54 -12.11 -31.98 13.76
N ARG F 55 -12.10 -33.11 13.06
CA ARG F 55 -11.25 -33.25 11.88
C ARG F 55 -11.65 -32.28 10.79
N GLY F 56 -12.96 -32.05 10.62
CA GLY F 56 -13.41 -31.10 9.61
C GLY F 56 -12.96 -29.68 9.90
N VAL F 57 -13.14 -29.24 11.15
CA VAL F 57 -12.73 -27.88 11.47
C VAL F 57 -11.20 -27.75 11.42
N LEU F 58 -10.47 -28.80 11.82
CA LEU F 58 -9.03 -28.78 11.69
C LEU F 58 -8.60 -28.66 10.23
N LYS F 59 -9.25 -29.40 9.34
CA LYS F 59 -8.92 -29.32 7.92
C LYS F 59 -9.21 -27.93 7.36
N VAL F 60 -10.33 -27.34 7.77
CA VAL F 60 -10.68 -26.00 7.30
C VAL F 60 -9.63 -24.98 7.75
N PHE F 61 -9.26 -25.03 9.03
CA PHE F 61 -8.27 -24.08 9.56
C PHE F 61 -6.91 -24.28 8.90
N LEU F 62 -6.49 -25.53 8.72
CA LEU F 62 -5.20 -25.80 8.09
C LEU F 62 -5.19 -25.34 6.65
N GLU F 63 -6.29 -25.56 5.91
CA GLU F 63 -6.36 -25.07 4.54
C GLU F 63 -6.29 -23.55 4.49
N ASN F 64 -7.00 -22.88 5.40
CA ASN F 64 -7.00 -21.41 5.41
C ASN F 64 -5.61 -20.86 5.68
N VAL F 65 -4.88 -21.45 6.64
CA VAL F 65 -3.55 -20.96 6.93
C VAL F 65 -2.57 -21.30 5.81
N ILE F 66 -2.66 -22.53 5.29
CA ILE F 66 -1.70 -23.01 4.30
C ILE F 66 -1.85 -22.25 2.98
N ARG F 67 -3.07 -21.88 2.61
CA ARG F 67 -3.25 -21.10 1.37
C ARG F 67 -2.51 -19.77 1.44
N ASP F 68 -2.65 -19.07 2.58
CA ASP F 68 -1.94 -17.81 2.76
C ASP F 68 -0.43 -18.03 2.80
N ALA F 69 0.02 -19.10 3.45
CA ALA F 69 1.46 -19.38 3.50
C ALA F 69 2.02 -19.65 2.11
N VAL F 70 1.29 -20.42 1.29
CA VAL F 70 1.75 -20.72 -0.06
C VAL F 70 1.74 -19.46 -0.93
N THR F 71 0.74 -18.60 -0.73
CA THR F 71 0.74 -17.34 -1.46
C THR F 71 1.93 -16.46 -1.07
N TYR F 72 2.28 -16.45 0.22
CA TYR F 72 3.45 -15.69 0.67
C TYR F 72 4.74 -16.25 0.08
N THR F 73 4.87 -17.58 0.02
CA THR F 73 6.10 -18.17 -0.49
C THR F 73 6.14 -18.23 -2.01
N GLU F 74 5.15 -17.65 -2.69
CA GLU F 74 5.16 -17.54 -4.15
C GLU F 74 5.53 -16.16 -4.63
N HIS F 75 5.19 -15.11 -3.87
CA HIS F 75 5.62 -13.76 -4.22
C HIS F 75 7.14 -13.65 -4.17
N ALA F 76 7.77 -14.35 -3.23
CA ALA F 76 9.23 -14.35 -3.12
C ALA F 76 9.91 -15.17 -4.21
N LYS F 77 9.14 -15.89 -5.02
CA LYS F 77 9.67 -16.79 -6.05
C LYS F 77 10.59 -17.84 -5.43
N ARG F 78 10.00 -18.66 -4.57
CA ARG F 78 10.73 -19.66 -3.81
C ARG F 78 9.88 -20.92 -3.74
N LYS F 79 10.55 -22.06 -3.57
CA LYS F 79 9.89 -23.36 -3.57
C LYS F 79 9.91 -24.04 -2.21
N THR F 80 10.46 -23.42 -1.18
CA THR F 80 10.49 -23.98 0.17
C THR F 80 9.72 -23.05 1.10
N VAL F 81 8.75 -23.61 1.82
CA VAL F 81 7.94 -22.85 2.75
C VAL F 81 8.71 -22.70 4.06
N THR F 82 9.11 -21.48 4.39
CA THR F 82 9.82 -21.22 5.62
C THR F 82 8.84 -21.00 6.77
N ALA F 83 9.36 -21.09 7.99
CA ALA F 83 8.53 -20.83 9.16
C ALA F 83 8.11 -19.38 9.25
N MET F 84 8.91 -18.47 8.67
CA MET F 84 8.56 -17.06 8.71
C MET F 84 7.28 -16.78 7.94
N ASP F 85 7.10 -17.46 6.80
CA ASP F 85 5.87 -17.30 6.04
C ASP F 85 4.66 -17.83 6.82
N VAL F 86 4.83 -18.93 7.55
CA VAL F 86 3.75 -19.46 8.37
C VAL F 86 3.38 -18.48 9.47
N VAL F 87 4.40 -17.89 10.12
CA VAL F 87 4.14 -16.90 11.17
C VAL F 87 3.42 -15.70 10.59
N TYR F 88 3.84 -15.25 9.41
CA TYR F 88 3.19 -14.10 8.78
C TYR F 88 1.75 -14.41 8.41
N ALA F 89 1.49 -15.60 7.88
CA ALA F 89 0.13 -15.99 7.52
C ALA F 89 -0.76 -16.09 8.76
N LEU F 90 -0.20 -16.59 9.86
CA LEU F 90 -0.96 -16.62 11.11
C LEU F 90 -1.25 -15.21 11.62
N LYS F 91 -0.27 -14.31 11.51
CA LYS F 91 -0.48 -12.93 11.93
C LYS F 91 -1.53 -12.23 11.06
N ARG F 92 -1.65 -12.65 9.80
CA ARG F 92 -2.61 -12.00 8.89
C ARG F 92 -4.04 -12.14 9.38
N GLN F 93 -4.42 -13.32 9.85
CA GLN F 93 -5.79 -13.57 10.29
C GLN F 93 -5.95 -13.43 11.80
N GLY F 94 -4.97 -12.86 12.49
CA GLY F 94 -5.10 -12.60 13.91
C GLY F 94 -4.79 -13.79 14.80
N ARG F 95 -3.60 -14.35 14.64
CA ARG F 95 -3.10 -15.38 15.55
C ARG F 95 -1.81 -14.99 16.24
N THR F 96 -0.86 -14.39 15.51
CA THR F 96 0.36 -13.79 16.06
C THR F 96 1.13 -14.83 16.88
N LEU F 97 1.63 -15.84 16.18
CA LEU F 97 2.38 -16.89 16.83
C LEU F 97 3.77 -16.39 17.21
N TYR F 98 4.07 -16.40 18.51
CA TYR F 98 5.40 -16.08 18.99
C TYR F 98 6.29 -17.32 18.89
N GLY F 99 7.53 -17.17 19.36
CA GLY F 99 8.46 -18.29 19.30
C GLY F 99 9.31 -18.28 18.05
N PHE F 100 8.87 -19.04 17.05
CA PHE F 100 9.58 -19.10 15.77
C PHE F 100 9.67 -17.72 15.14
N GLY F 101 10.87 -17.34 14.72
CA GLY F 101 11.09 -16.04 14.13
C GLY F 101 10.84 -14.88 15.08
N ALA G 14 -5.45 8.93 -26.94
CA ALA G 14 -5.92 9.25 -25.59
C ALA G 14 -4.89 10.11 -24.86
N LYS G 15 -5.37 10.92 -23.91
CA LYS G 15 -4.51 11.81 -23.13
C LYS G 15 -4.36 11.38 -21.69
N THR G 16 -5.47 11.22 -20.97
CA THR G 16 -5.40 10.85 -19.56
C THR G 16 -5.02 9.38 -19.41
N ARG G 17 -4.43 9.06 -18.26
CA ARG G 17 -3.96 7.70 -18.02
C ARG G 17 -5.11 6.72 -17.86
N SER G 18 -6.23 7.16 -17.30
CA SER G 18 -7.36 6.26 -17.07
C SER G 18 -7.97 5.78 -18.39
N SER G 19 -8.09 6.67 -19.38
CA SER G 19 -8.68 6.29 -20.65
C SER G 19 -7.77 5.35 -21.43
N ARG G 20 -6.45 5.47 -21.24
CA ARG G 20 -5.51 4.58 -21.92
C ARG G 20 -5.70 3.14 -21.47
N ALA G 21 -5.92 2.93 -20.18
CA ALA G 21 -6.13 1.58 -19.65
C ALA G 21 -7.58 1.12 -19.73
N GLY G 22 -8.47 1.97 -20.22
CA GLY G 22 -9.88 1.61 -20.31
C GLY G 22 -10.57 1.42 -18.97
N LEU G 23 -10.30 2.31 -18.02
CA LEU G 23 -10.91 2.25 -16.70
C LEU G 23 -11.74 3.51 -16.46
N GLN G 24 -12.50 3.49 -15.37
CA GLN G 24 -13.27 4.64 -14.93
C GLN G 24 -12.69 5.33 -13.72
N PHE G 25 -11.99 4.60 -12.85
CA PHE G 25 -11.35 5.20 -11.68
C PHE G 25 -10.09 5.95 -12.09
N PRO G 26 -9.72 7.01 -11.36
CA PRO G 26 -8.55 7.81 -11.73
C PRO G 26 -7.26 7.10 -11.36
N VAL G 27 -6.45 6.78 -12.38
CA VAL G 27 -5.15 6.15 -12.13
C VAL G 27 -4.19 7.14 -11.48
N GLY G 28 -4.16 8.37 -11.99
CA GLY G 28 -3.22 9.36 -11.46
C GLY G 28 -3.52 9.72 -10.02
N ARG G 29 -4.80 9.78 -9.65
CA ARG G 29 -5.15 10.06 -8.27
C ARG G 29 -4.71 8.95 -7.33
N VAL G 30 -4.87 7.69 -7.74
CA VAL G 30 -4.39 6.57 -6.93
C VAL G 30 -2.87 6.62 -6.83
N HIS G 31 -2.21 7.03 -7.92
CA HIS G 31 -0.76 7.22 -7.91
C HIS G 31 -0.34 8.28 -6.91
N ARG G 32 -1.05 9.42 -6.90
CA ARG G 32 -0.76 10.50 -5.96
C ARG G 32 -0.98 10.05 -4.53
N LEU G 33 -2.04 9.28 -4.29
CA LEU G 33 -2.28 8.76 -2.94
C LEU G 33 -1.22 7.74 -2.53
N LEU G 34 -0.70 6.96 -3.48
CA LEU G 34 0.36 6.00 -3.18
C LEU G 34 1.65 6.72 -2.78
N ARG G 35 1.99 7.83 -3.45
CA ARG G 35 3.07 8.68 -2.91
C ARG G 35 2.72 9.26 -1.56
N LYS G 36 1.55 9.91 -1.45
CA LYS G 36 1.19 10.64 -0.19
C LYS G 36 1.06 9.70 1.00
N GLY G 37 0.59 8.47 0.78
CA GLY G 37 0.33 7.55 1.87
C GLY G 37 1.54 6.84 2.44
N ASN G 38 2.75 7.29 2.07
CA ASN G 38 4.06 6.78 2.50
C ASN G 38 4.12 5.27 2.70
N TYR G 39 3.55 4.53 1.76
CA TYR G 39 3.60 3.07 1.82
C TYR G 39 4.97 2.55 1.41
N ALA G 40 5.64 3.24 0.49
CA ALA G 40 7.02 2.95 0.13
C ALA G 40 7.60 4.20 -0.50
N GLU G 41 8.94 4.32 -0.42
CA GLU G 41 9.59 5.49 -0.98
C GLU G 41 9.62 5.49 -2.51
N ARG G 42 9.33 4.35 -3.14
CA ARG G 42 9.23 4.27 -4.59
C ARG G 42 8.11 3.33 -4.95
N VAL G 43 7.23 3.77 -5.86
CA VAL G 43 6.12 2.96 -6.34
C VAL G 43 6.22 2.88 -7.86
N GLY G 44 6.16 1.65 -8.39
CA GLY G 44 6.20 1.48 -9.83
C GLY G 44 4.94 1.96 -10.51
N ALA G 45 5.07 2.20 -11.82
CA ALA G 45 3.94 2.75 -12.58
C ALA G 45 2.85 1.73 -12.84
N GLY G 46 3.13 0.44 -12.65
CA GLY G 46 2.14 -0.59 -12.92
C GLY G 46 1.21 -0.84 -11.75
N ALA G 47 1.61 -0.42 -10.56
CA ALA G 47 0.75 -0.57 -9.38
C ALA G 47 -0.54 0.24 -9.44
N PRO G 48 -0.53 1.55 -9.73
CA PRO G 48 -1.79 2.31 -9.65
C PRO G 48 -2.86 1.85 -10.62
N VAL G 49 -2.49 1.42 -11.82
CA VAL G 49 -3.51 0.97 -12.76
C VAL G 49 -4.16 -0.33 -12.29
N TYR G 50 -3.35 -1.25 -11.74
CA TYR G 50 -3.88 -2.49 -11.19
C TYR G 50 -4.82 -2.20 -10.02
N LEU G 51 -4.40 -1.30 -9.12
CA LEU G 51 -5.23 -0.97 -7.97
C LEU G 51 -6.54 -0.31 -8.39
N ALA G 52 -6.46 0.59 -9.39
CA ALA G 52 -7.67 1.24 -9.89
C ALA G 52 -8.62 0.24 -10.53
N ALA G 53 -8.08 -0.72 -11.29
CA ALA G 53 -8.92 -1.75 -11.87
C ALA G 53 -9.61 -2.59 -10.80
N VAL G 54 -8.85 -2.96 -9.75
CA VAL G 54 -9.43 -3.77 -8.68
C VAL G 54 -10.54 -2.99 -7.97
N LEU G 55 -10.29 -1.72 -7.66
CA LEU G 55 -11.29 -0.89 -6.99
C LEU G 55 -12.53 -0.73 -7.86
N GLU G 56 -12.34 -0.49 -9.16
CA GLU G 56 -13.48 -0.31 -10.06
C GLU G 56 -14.30 -1.59 -10.16
N TYR G 57 -13.63 -2.74 -10.25
CA TYR G 57 -14.37 -4.00 -10.32
C TYR G 57 -15.17 -4.26 -9.05
N LEU G 58 -14.56 -4.01 -7.88
CA LEU G 58 -15.26 -4.22 -6.62
C LEU G 58 -16.46 -3.29 -6.50
N THR G 59 -16.29 -2.02 -6.88
CA THR G 59 -17.40 -1.08 -6.85
C THR G 59 -18.50 -1.49 -7.81
N ALA G 60 -18.11 -2.00 -8.99
CA ALA G 60 -19.11 -2.46 -9.96
C ALA G 60 -19.92 -3.62 -9.42
N GLU G 61 -19.26 -4.59 -8.78
CA GLU G 61 -19.98 -5.71 -8.19
C GLU G 61 -20.91 -5.25 -7.08
N ILE G 62 -20.43 -4.36 -6.20
CA ILE G 62 -21.25 -3.88 -5.10
C ILE G 62 -22.49 -3.15 -5.64
N LEU G 63 -22.29 -2.29 -6.63
CA LEU G 63 -23.39 -1.51 -7.18
C LEU G 63 -24.37 -2.39 -7.94
N GLU G 64 -23.87 -3.38 -8.67
CA GLU G 64 -24.78 -4.28 -9.38
C GLU G 64 -25.62 -5.10 -8.41
N LEU G 65 -25.02 -5.61 -7.33
CA LEU G 65 -25.79 -6.34 -6.34
C LEU G 65 -26.79 -5.45 -5.63
N ALA G 66 -26.40 -4.19 -5.36
CA ALA G 66 -27.34 -3.25 -4.74
C ALA G 66 -28.52 -2.95 -5.65
N GLY G 67 -28.25 -2.76 -6.94
CA GLY G 67 -29.34 -2.52 -7.89
C GLY G 67 -30.25 -3.72 -8.04
N ASN G 68 -29.67 -4.92 -8.04
CA ASN G 68 -30.49 -6.13 -8.08
C ASN G 68 -31.34 -6.26 -6.82
N ALA G 69 -30.88 -5.63 -5.74
CA ALA G 69 -31.70 -5.60 -4.50
C ALA G 69 -32.56 -4.32 -4.46
N ALA G 70 -32.07 -3.23 -5.05
CA ALA G 70 -32.83 -1.96 -5.06
C ALA G 70 -34.06 -2.13 -5.93
N ARG G 71 -33.85 -2.57 -7.18
CA ARG G 71 -34.98 -2.73 -8.13
C ARG G 71 -36.15 -3.50 -7.49
N ASP G 72 -35.86 -4.62 -6.83
CA ASP G 72 -36.96 -5.47 -6.29
C ASP G 72 -38.12 -4.75 -5.60
N ASN G 73 -37.87 -3.65 -4.89
CA ASN G 73 -38.99 -3.15 -4.09
C ASN G 73 -39.69 -2.02 -4.82
N LYS G 74 -39.66 -2.02 -6.15
CA LYS G 74 -40.21 -0.93 -6.97
C LYS G 74 -39.59 0.41 -6.59
N LYS G 75 -38.28 0.40 -6.32
CA LYS G 75 -37.53 1.60 -6.01
C LYS G 75 -36.34 1.71 -6.98
N THR G 76 -36.17 2.88 -7.57
CA THR G 76 -35.11 3.15 -8.53
C THR G 76 -34.05 4.08 -7.95
N ARG G 77 -33.74 3.91 -6.67
CA ARG G 77 -32.73 4.72 -6.00
C ARG G 77 -32.10 3.90 -4.90
N ILE G 78 -30.77 3.79 -4.92
CA ILE G 78 -30.05 2.95 -3.97
C ILE G 78 -30.11 3.57 -2.59
N ILE G 79 -30.44 2.76 -1.60
CA ILE G 79 -30.61 3.18 -0.21
C ILE G 79 -29.59 2.40 0.62
N PRO G 80 -29.09 2.94 1.74
CA PRO G 80 -28.22 2.12 2.61
C PRO G 80 -28.81 0.78 3.00
N ARG G 81 -30.13 0.68 3.10
CA ARG G 81 -30.75 -0.62 3.32
C ARG G 81 -30.46 -1.57 2.17
N HIS G 82 -30.50 -1.06 0.93
CA HIS G 82 -30.18 -1.90 -0.22
C HIS G 82 -28.72 -2.35 -0.19
N LEU G 83 -27.82 -1.47 0.21
CA LEU G 83 -26.41 -1.86 0.34
C LEU G 83 -26.23 -2.94 1.40
N GLN G 84 -26.91 -2.79 2.54
CA GLN G 84 -26.82 -3.81 3.58
C GLN G 84 -27.36 -5.14 3.09
N LEU G 85 -28.50 -5.12 2.38
CA LEU G 85 -29.06 -6.35 1.84
C LEU G 85 -28.12 -7.00 0.84
N ALA G 86 -27.51 -6.20 -0.03
CA ALA G 86 -26.58 -6.75 -1.02
C ALA G 86 -25.35 -7.35 -0.37
N ILE G 87 -24.81 -6.70 0.66
CA ILE G 87 -23.61 -7.22 1.30
C ILE G 87 -23.92 -8.47 2.11
N ARG G 88 -25.02 -8.47 2.87
CA ARG G 88 -25.31 -9.60 3.74
C ARG G 88 -25.83 -10.81 2.95
N ASN G 89 -26.60 -10.58 1.90
CA ASN G 89 -27.16 -11.70 1.14
C ASN G 89 -26.09 -12.50 0.43
N ASP G 90 -25.10 -11.82 -0.16
CA ASP G 90 -24.02 -12.51 -0.86
C ASP G 90 -23.13 -13.20 0.16
N GLU G 91 -22.46 -14.27 -0.28
CA GLU G 91 -21.57 -15.02 0.58
C GLU G 91 -20.15 -14.47 0.57
N GLU G 92 -19.66 -14.05 -0.58
CA GLU G 92 -18.29 -13.58 -0.69
C GLU G 92 -18.13 -12.20 -0.06
N LEU G 93 -19.06 -11.28 -0.35
CA LEU G 93 -18.97 -9.93 0.19
C LEU G 93 -19.24 -9.90 1.68
N ASN G 94 -20.10 -10.79 2.18
CA ASN G 94 -20.31 -10.87 3.63
C ASN G 94 -19.04 -11.33 4.35
N LYS G 95 -18.27 -12.23 3.73
CA LYS G 95 -17.00 -12.61 4.31
C LYS G 95 -15.96 -11.50 4.20
N LEU G 96 -16.02 -10.72 3.11
CA LEU G 96 -15.09 -9.60 2.96
C LEU G 96 -15.37 -8.50 3.99
N LEU G 97 -16.64 -8.24 4.28
CA LEU G 97 -17.01 -7.16 5.16
C LEU G 97 -17.78 -7.68 6.37
N GLY G 98 -17.27 -8.73 7.01
CA GLY G 98 -17.95 -9.32 8.15
C GLY G 98 -17.88 -8.48 9.41
N LYS G 99 -16.92 -7.56 9.50
CA LYS G 99 -16.73 -6.72 10.67
C LYS G 99 -16.94 -5.25 10.33
N VAL G 100 -17.95 -4.97 9.52
CA VAL G 100 -18.27 -3.60 9.11
C VAL G 100 -19.76 -3.37 9.29
N THR G 101 -20.11 -2.33 10.03
CA THR G 101 -21.50 -1.94 10.25
C THR G 101 -21.75 -0.60 9.56
N ILE G 102 -22.74 -0.55 8.69
CA ILE G 102 -23.05 0.65 7.92
C ILE G 102 -24.23 1.37 8.57
N ALA G 103 -24.20 2.69 8.52
CA ALA G 103 -25.25 3.49 9.13
C ALA G 103 -26.57 3.29 8.38
N GLN G 104 -27.66 3.20 9.15
CA GLN G 104 -29.01 2.99 8.62
C GLN G 104 -29.10 1.73 7.78
N GLY G 105 -28.32 0.71 8.13
CA GLY G 105 -28.30 -0.52 7.36
C GLY G 105 -29.34 -1.54 7.76
N GLY G 106 -29.63 -1.61 9.06
CA GLY G 106 -30.55 -2.63 9.50
C GLY G 106 -29.92 -4.01 9.48
N VAL G 107 -30.77 -5.03 9.57
CA VAL G 107 -30.34 -6.42 9.60
C VAL G 107 -31.19 -7.23 8.63
N LEU G 108 -30.69 -8.41 8.28
CA LEU G 108 -31.44 -9.32 7.42
C LEU G 108 -32.65 -9.85 8.17
N PRO G 109 -33.78 -10.04 7.49
CA PRO G 109 -34.95 -10.67 8.13
C PRO G 109 -34.67 -12.16 8.35
N ASN G 110 -34.62 -12.55 9.61
CA ASN G 110 -34.28 -13.94 9.95
C ASN G 110 -34.92 -14.26 11.30
N ILE G 111 -35.83 -15.22 11.30
CA ILE G 111 -36.48 -15.69 12.53
C ILE G 111 -36.26 -17.19 12.63
N GLN G 112 -35.81 -17.64 13.80
CA GLN G 112 -35.51 -19.05 14.00
C GLN G 112 -36.78 -19.89 13.95
N ALA G 113 -36.63 -21.12 13.45
CA ALA G 113 -37.77 -22.01 13.29
C ALA G 113 -38.35 -22.43 14.64
N VAL G 114 -37.54 -22.43 15.69
CA VAL G 114 -38.04 -22.79 17.02
C VAL G 114 -39.05 -21.76 17.51
N LEU G 115 -38.76 -20.47 17.29
CA LEU G 115 -39.64 -19.41 17.74
C LEU G 115 -40.91 -19.29 16.90
N LEU G 116 -40.99 -19.99 15.77
CA LEU G 116 -42.17 -19.95 14.93
C LEU G 116 -43.36 -20.59 15.64
N PRO G 117 -44.58 -20.16 15.32
CA PRO G 117 -45.76 -20.77 15.95
C PRO G 117 -45.95 -22.22 15.51
N LYS G 118 -46.67 -22.97 16.34
CA LYS G 118 -46.93 -24.38 16.10
C LYS G 118 -47.72 -24.59 14.82
N ARG H 31 -12.65 28.33 1.26
CA ARG H 31 -13.14 27.09 0.67
C ARG H 31 -12.14 25.95 0.88
N SER H 32 -12.63 24.82 1.38
CA SER H 32 -11.82 23.63 1.60
C SER H 32 -12.30 22.56 0.63
N ARG H 33 -11.49 22.26 -0.39
CA ARG H 33 -11.86 21.30 -1.42
C ARG H 33 -11.75 19.89 -0.84
N LYS H 34 -12.89 19.33 -0.45
CA LYS H 34 -12.92 17.98 0.08
C LYS H 34 -12.77 16.96 -1.05
N GLU H 35 -12.27 15.78 -0.69
CA GLU H 35 -11.89 14.77 -1.67
C GLU H 35 -12.84 13.57 -1.55
N SER H 36 -13.34 13.11 -2.70
CA SER H 36 -14.27 11.98 -2.71
C SER H 36 -14.20 11.29 -4.07
N TYR H 37 -14.75 10.07 -4.11
CA TYR H 37 -14.84 9.27 -5.33
C TYR H 37 -16.25 9.27 -5.90
N SER H 38 -17.01 10.34 -5.68
CA SER H 38 -18.44 10.34 -6.01
C SER H 38 -18.67 10.22 -7.51
N VAL H 39 -17.90 10.95 -8.31
CA VAL H 39 -18.15 10.97 -9.75
C VAL H 39 -17.81 9.62 -10.37
N TYR H 40 -16.76 8.96 -9.88
CA TYR H 40 -16.39 7.66 -10.43
C TYR H 40 -17.39 6.58 -10.06
N VAL H 41 -17.89 6.62 -8.82
CA VAL H 41 -18.92 5.69 -8.41
C VAL H 41 -20.19 5.89 -9.22
N TYR H 42 -20.55 7.16 -9.48
CA TYR H 42 -21.72 7.44 -10.30
C TYR H 42 -21.53 6.93 -11.73
N LYS H 43 -20.34 7.12 -12.30
CA LYS H 43 -20.06 6.63 -13.64
C LYS H 43 -20.15 5.11 -13.68
N VAL H 44 -19.61 4.43 -12.67
CA VAL H 44 -19.68 2.98 -12.61
C VAL H 44 -21.13 2.51 -12.51
N LEU H 45 -21.94 3.20 -11.69
CA LEU H 45 -23.34 2.83 -11.56
C LEU H 45 -24.10 3.00 -12.86
N LYS H 46 -23.85 4.10 -13.57
CA LYS H 46 -24.49 4.30 -14.87
C LYS H 46 -24.00 3.30 -15.90
N GLN H 47 -22.77 2.81 -15.75
CA GLN H 47 -22.24 1.84 -16.71
C GLN H 47 -22.92 0.48 -16.57
N VAL H 48 -23.27 0.08 -15.35
CA VAL H 48 -23.84 -1.24 -15.12
C VAL H 48 -25.36 -1.19 -14.87
N HIS H 49 -25.88 -0.09 -14.34
CA HIS H 49 -27.31 0.07 -14.07
C HIS H 49 -27.75 1.42 -14.60
N PRO H 50 -28.02 1.51 -15.90
CA PRO H 50 -28.25 2.83 -16.52
C PRO H 50 -29.46 3.59 -15.98
N ASP H 51 -30.52 2.90 -15.57
CA ASP H 51 -31.80 3.54 -15.31
C ASP H 51 -32.07 3.82 -13.83
N THR H 52 -31.10 3.61 -12.95
CA THR H 52 -31.32 3.82 -11.53
C THR H 52 -30.42 4.94 -11.01
N GLY H 53 -30.79 5.44 -9.83
CA GLY H 53 -30.02 6.48 -9.17
C GLY H 53 -29.50 6.01 -7.82
N ILE H 54 -28.89 6.92 -7.06
CA ILE H 54 -28.30 6.56 -5.77
C ILE H 54 -28.36 7.76 -4.85
N SER H 55 -28.62 7.50 -3.57
CA SER H 55 -28.79 8.55 -2.57
C SER H 55 -27.44 9.03 -2.04
N SER H 56 -27.48 10.16 -1.32
CA SER H 56 -26.25 10.75 -0.80
C SER H 56 -25.65 9.90 0.32
N LYS H 57 -26.50 9.31 1.17
CA LYS H 57 -25.99 8.43 2.22
C LYS H 57 -25.29 7.22 1.62
N ALA H 58 -25.87 6.62 0.58
CA ALA H 58 -25.21 5.52 -0.11
C ALA H 58 -23.93 5.99 -0.79
N MET H 59 -23.89 7.24 -1.26
CA MET H 59 -22.65 7.79 -1.80
C MET H 59 -21.56 7.84 -0.73
N GLY H 60 -21.92 8.30 0.46
CA GLY H 60 -20.94 8.33 1.55
C GLY H 60 -20.48 6.95 1.95
N ILE H 61 -21.40 5.98 1.98
CA ILE H 61 -21.03 4.60 2.31
C ILE H 61 -20.10 4.03 1.24
N MET H 62 -20.37 4.31 -0.03
CA MET H 62 -19.49 3.84 -1.09
C MET H 62 -18.12 4.49 -1.00
N ASN H 63 -18.07 5.79 -0.67
CA ASN H 63 -16.80 6.47 -0.51
C ASN H 63 -15.98 5.84 0.63
N SER H 64 -16.64 5.57 1.76
CA SER H 64 -15.94 4.95 2.89
C SER H 64 -15.48 3.54 2.54
N PHE H 65 -16.30 2.79 1.80
CA PHE H 65 -15.92 1.43 1.42
C PHE H 65 -14.72 1.44 0.49
N VAL H 66 -14.71 2.34 -0.50
CA VAL H 66 -13.59 2.44 -1.42
C VAL H 66 -12.32 2.85 -0.67
N ASN H 67 -12.44 3.82 0.23
CA ASN H 67 -11.28 4.25 1.00
C ASN H 67 -10.74 3.12 1.88
N ASP H 68 -11.64 2.36 2.51
CA ASP H 68 -11.20 1.26 3.38
C ASP H 68 -10.52 0.17 2.58
N ILE H 69 -11.08 -0.20 1.42
CA ILE H 69 -10.46 -1.24 0.60
C ILE H 69 -9.10 -0.78 0.08
N PHE H 70 -9.01 0.49 -0.36
CA PHE H 70 -7.74 1.03 -0.81
C PHE H 70 -6.71 1.01 0.30
N GLU H 71 -7.09 1.41 1.51
CA GLU H 71 -6.17 1.41 2.63
C GLU H 71 -5.72 -0.01 2.96
N ARG H 72 -6.64 -0.97 2.95
CA ARG H 72 -6.28 -2.35 3.24
C ARG H 72 -5.28 -2.90 2.22
N ILE H 73 -5.58 -2.72 0.93
CA ILE H 73 -4.73 -3.26 -0.11
C ILE H 73 -3.36 -2.58 -0.09
N ALA H 74 -3.34 -1.25 0.07
CA ALA H 74 -2.07 -0.54 0.10
C ALA H 74 -1.24 -0.92 1.31
N GLY H 75 -1.87 -1.08 2.47
CA GLY H 75 -1.12 -1.50 3.65
C GLY H 75 -0.55 -2.89 3.50
N GLU H 76 -1.33 -3.82 2.95
CA GLU H 76 -0.81 -5.17 2.74
C GLU H 76 0.32 -5.17 1.72
N ALA H 77 0.21 -4.38 0.65
CA ALA H 77 1.27 -4.31 -0.34
C ALA H 77 2.55 -3.72 0.24
N SER H 78 2.42 -2.66 1.05
CA SER H 78 3.59 -2.07 1.67
C SER H 78 4.24 -3.03 2.65
N ARG H 79 3.43 -3.73 3.43
CA ARG H 79 3.98 -4.72 4.36
C ARG H 79 4.70 -5.82 3.60
N LEU H 80 4.11 -6.31 2.52
CA LEU H 80 4.76 -7.36 1.73
C LEU H 80 6.08 -6.86 1.14
N ALA H 81 6.10 -5.61 0.66
CA ALA H 81 7.33 -5.04 0.13
C ALA H 81 8.43 -4.98 1.19
N HIS H 82 8.09 -4.55 2.41
CA HIS H 82 9.06 -4.54 3.49
CA HIS H 82 9.08 -4.54 3.48
C HIS H 82 9.50 -5.95 3.85
N TYR H 83 8.56 -6.90 3.84
CA TYR H 83 8.86 -8.29 4.17
C TYR H 83 9.86 -8.90 3.21
N ASN H 84 9.71 -8.63 1.91
CA ASN H 84 10.59 -9.20 0.91
C ASN H 84 11.83 -8.34 0.64
N LYS H 85 12.16 -7.43 1.58
CA LYS H 85 13.33 -6.57 1.53
C LYS H 85 13.36 -5.65 0.32
N ARG H 86 12.25 -5.53 -0.41
CA ARG H 86 12.23 -4.70 -1.60
C ARG H 86 12.02 -3.23 -1.21
N SER H 87 12.23 -2.34 -2.19
CA SER H 87 12.07 -0.92 -1.99
C SER H 87 11.19 -0.29 -3.07
N THR H 88 10.37 -1.10 -3.74
CA THR H 88 9.51 -0.61 -4.81
C THR H 88 8.23 -1.43 -4.82
N ILE H 89 7.10 -0.75 -4.96
CA ILE H 89 5.79 -1.39 -5.07
C ILE H 89 5.40 -1.39 -6.54
N THR H 90 5.28 -2.58 -7.12
CA THR H 90 4.84 -2.74 -8.50
C THR H 90 3.56 -3.58 -8.51
N SER H 91 3.15 -3.99 -9.71
CA SER H 91 1.88 -4.71 -9.85
C SER H 91 1.91 -6.06 -9.16
N ARG H 92 3.10 -6.62 -8.94
CA ARG H 92 3.19 -7.93 -8.30
C ARG H 92 2.71 -7.88 -6.85
N GLU H 93 3.16 -6.88 -6.10
CA GLU H 93 2.73 -6.74 -4.71
C GLU H 93 1.24 -6.46 -4.62
N ILE H 94 0.71 -5.63 -5.52
CA ILE H 94 -0.72 -5.34 -5.52
C ILE H 94 -1.52 -6.59 -5.82
N GLN H 95 -1.07 -7.38 -6.80
CA GLN H 95 -1.77 -8.61 -7.15
C GLN H 95 -1.74 -9.62 -6.00
N THR H 96 -0.59 -9.76 -5.34
CA THR H 96 -0.51 -10.68 -4.21
C THR H 96 -1.37 -10.21 -3.04
N ALA H 97 -1.41 -8.89 -2.81
CA ALA H 97 -2.26 -8.35 -1.76
C ALA H 97 -3.73 -8.57 -2.06
N VAL H 98 -4.13 -8.42 -3.33
CA VAL H 98 -5.51 -8.71 -3.72
C VAL H 98 -5.82 -10.19 -3.50
N ARG H 99 -4.87 -11.06 -3.86
CA ARG H 99 -5.08 -12.49 -3.65
C ARG H 99 -5.23 -12.84 -2.17
N LEU H 100 -4.43 -12.21 -1.31
CA LEU H 100 -4.52 -12.49 0.12
C LEU H 100 -5.79 -11.93 0.73
N LEU H 101 -6.17 -10.70 0.38
CA LEU H 101 -7.28 -10.04 1.04
C LEU H 101 -8.62 -10.58 0.55
N LEU H 102 -8.87 -10.50 -0.76
CA LEU H 102 -10.16 -10.90 -1.29
C LEU H 102 -10.29 -12.43 -1.29
N PRO H 103 -11.46 -12.95 -0.95
CA PRO H 103 -11.67 -14.41 -1.01
C PRO H 103 -11.69 -14.94 -2.44
N GLY H 104 -11.81 -16.26 -2.58
CA GLY H 104 -11.52 -16.97 -3.83
C GLY H 104 -12.04 -16.42 -5.14
N GLU H 105 -13.37 -16.42 -5.32
CA GLU H 105 -13.94 -15.99 -6.59
C GLU H 105 -13.67 -14.52 -6.85
N LEU H 106 -13.83 -13.68 -5.82
CA LEU H 106 -13.55 -12.26 -5.96
C LEU H 106 -12.07 -12.02 -6.27
N ALA H 107 -11.18 -12.76 -5.61
CA ALA H 107 -9.75 -12.62 -5.86
C ALA H 107 -9.42 -13.00 -7.30
N LYS H 108 -9.99 -14.10 -7.79
CA LYS H 108 -9.70 -14.53 -9.15
C LYS H 108 -10.19 -13.51 -10.17
N HIS H 109 -11.43 -13.02 -10.00
CA HIS H 109 -11.96 -12.04 -10.94
C HIS H 109 -11.18 -10.73 -10.88
N ALA H 110 -10.80 -10.29 -9.68
CA ALA H 110 -10.04 -9.05 -9.55
C ALA H 110 -8.65 -9.19 -10.16
N VAL H 111 -8.01 -10.35 -9.99
CA VAL H 111 -6.71 -10.58 -10.62
C VAL H 111 -6.85 -10.55 -12.15
N SER H 112 -7.90 -11.19 -12.67
CA SER H 112 -8.12 -11.17 -14.12
C SER H 112 -8.32 -9.75 -14.63
N GLU H 113 -9.14 -8.95 -13.93
CA GLU H 113 -9.39 -7.58 -14.33
C GLU H 113 -8.12 -6.74 -14.26
N GLY H 114 -7.34 -6.91 -13.19
CA GLY H 114 -6.11 -6.14 -13.06
C GLY H 114 -5.09 -6.48 -14.12
N THR H 115 -4.92 -7.78 -14.41
CA THR H 115 -3.98 -8.17 -15.46
C THR H 115 -4.43 -7.67 -16.82
N LYS H 116 -5.73 -7.72 -17.10
CA LYS H 116 -6.23 -7.21 -18.37
C LYS H 116 -6.00 -5.71 -18.49
N ALA H 117 -6.27 -4.96 -17.42
CA ALA H 117 -6.06 -3.52 -17.44
C ALA H 117 -4.59 -3.16 -17.61
N VAL H 118 -3.70 -3.88 -16.91
CA VAL H 118 -2.27 -3.61 -17.03
C VAL H 118 -1.78 -3.92 -18.44
N THR H 119 -2.24 -5.04 -19.02
CA THR H 119 -1.84 -5.39 -20.37
C THR H 119 -2.32 -4.35 -21.37
N LYS H 120 -3.57 -3.89 -21.24
CA LYS H 120 -4.09 -2.85 -22.13
C LYS H 120 -3.32 -1.55 -21.97
N TYR H 121 -2.99 -1.17 -20.74
CA TYR H 121 -2.26 0.07 -20.51
C TYR H 121 -0.85 0.01 -21.08
N THR H 122 -0.14 -1.10 -20.89
CA THR H 122 1.22 -1.19 -21.39
C THR H 122 1.26 -1.38 -22.91
N SER H 123 0.20 -1.96 -23.49
CA SER H 123 0.17 -2.21 -24.93
C SER H 123 0.10 -0.92 -25.74
N SER H 124 -0.31 0.19 -25.12
CA SER H 124 -0.39 1.45 -25.83
C SER H 124 0.95 2.17 -25.85
N LEU L 11 15.51 42.41 -27.89
CA LEU L 11 16.11 43.40 -26.99
C LEU L 11 16.10 42.90 -25.55
N ASN L 12 16.40 41.62 -25.36
CA ASN L 12 16.45 40.99 -24.04
C ASN L 12 17.71 40.15 -23.91
N GLY L 13 18.85 40.73 -24.28
CA GLY L 13 20.11 39.98 -24.24
C GLY L 13 20.45 39.48 -22.85
N GLY L 14 20.34 40.36 -21.85
CA GLY L 14 20.63 39.94 -20.49
C GLY L 14 19.63 38.94 -19.95
N ILE L 15 18.34 39.14 -20.27
CA ILE L 15 17.30 38.27 -19.76
C ILE L 15 17.38 36.88 -20.39
N THR L 16 17.57 36.83 -21.71
CA THR L 16 17.57 35.55 -22.40
C THR L 16 18.80 34.72 -22.08
N ASP L 17 19.96 35.35 -21.99
CA ASP L 17 21.20 34.60 -21.76
C ASP L 17 21.19 33.90 -20.42
N MET L 18 20.74 34.59 -19.36
CA MET L 18 20.70 33.96 -18.04
C MET L 18 19.70 32.80 -17.99
N LEU L 19 18.65 32.86 -18.82
CA LEU L 19 17.68 31.77 -18.84
C LEU L 19 18.22 30.54 -19.57
N THR L 20 19.22 30.71 -20.43
CA THR L 20 19.71 29.60 -21.25
C THR L 20 20.32 28.50 -20.39
N GLU L 21 21.25 28.85 -19.49
CA GLU L 21 21.86 27.82 -18.67
C GLU L 21 20.87 27.21 -17.68
N LEU L 22 19.80 27.95 -17.33
CA LEU L 22 18.81 27.40 -16.41
C LEU L 22 18.17 26.14 -16.98
N ALA L 23 17.80 26.17 -18.26
CA ALA L 23 17.16 25.03 -18.90
C ALA L 23 18.08 23.81 -18.93
N ASN L 24 19.39 24.02 -19.03
CA ASN L 24 20.33 22.92 -19.12
C ASN L 24 20.28 22.04 -17.88
N PHE L 25 20.11 22.66 -16.70
CA PHE L 25 20.21 21.91 -15.45
C PHE L 25 19.10 20.87 -15.31
N GLU L 26 17.88 21.20 -15.73
CA GLU L 26 16.85 20.17 -15.75
C GLU L 26 17.08 19.13 -16.84
N LYS L 27 17.91 19.44 -17.83
CA LYS L 27 18.22 18.46 -18.87
C LYS L 27 19.35 17.53 -18.44
N ASN L 28 20.49 18.08 -18.03
CA ASN L 28 21.65 17.26 -17.74
C ASN L 28 21.76 16.82 -16.29
N VAL L 29 21.22 17.59 -15.34
CA VAL L 29 21.31 17.28 -13.91
C VAL L 29 19.99 16.71 -13.39
N SER L 30 18.91 17.49 -13.45
CA SER L 30 17.64 17.02 -12.93
C SER L 30 16.98 15.99 -13.84
N GLN L 31 17.41 15.90 -15.10
CA GLN L 31 16.88 14.93 -16.06
C GLN L 31 15.37 15.07 -16.24
N ALA L 32 14.90 16.32 -16.30
CA ALA L 32 13.49 16.63 -16.48
C ALA L 32 13.33 17.38 -17.79
N ILE L 33 12.89 16.67 -18.84
CA ILE L 33 12.67 17.30 -20.13
C ILE L 33 11.49 18.27 -20.07
N HIS L 34 10.51 17.99 -19.20
CA HIS L 34 9.28 18.77 -19.12
C HIS L 34 9.51 20.18 -18.64
N LYS L 35 10.68 20.45 -18.06
CA LYS L 35 11.03 21.83 -17.65
C LYS L 35 11.96 22.43 -18.71
N TYR L 36 12.91 21.63 -19.23
CA TYR L 36 13.88 22.14 -20.18
C TYR L 36 13.20 22.65 -21.44
N ASN L 37 12.22 21.90 -21.96
CA ASN L 37 11.53 22.34 -23.17
C ASN L 37 10.77 23.64 -22.93
N ALA L 38 10.09 23.74 -21.78
CA ALA L 38 9.37 24.97 -21.46
C ALA L 38 10.31 26.15 -21.32
N TYR L 39 11.45 25.95 -20.64
CA TYR L 39 12.39 27.04 -20.45
C TYR L 39 13.00 27.50 -21.77
N ARG L 40 13.34 26.55 -22.66
CA ARG L 40 13.91 26.96 -23.93
C ARG L 40 12.87 27.62 -24.83
N LYS L 41 11.61 27.17 -24.75
CA LYS L 41 10.55 27.84 -25.50
C LYS L 41 10.35 29.27 -25.01
N ALA L 42 10.37 29.47 -23.68
CA ALA L 42 10.27 30.81 -23.13
C ALA L 42 11.45 31.68 -23.56
N ALA L 43 12.66 31.11 -23.55
CA ALA L 43 13.83 31.87 -23.98
C ALA L 43 13.72 32.28 -25.44
N SER L 44 13.25 31.36 -26.29
CA SER L 44 13.11 31.68 -27.71
C SER L 44 12.05 32.74 -27.94
N VAL L 45 10.91 32.66 -27.25
CA VAL L 45 9.86 33.65 -27.48
C VAL L 45 10.26 35.01 -26.91
N ILE L 46 11.01 35.04 -25.81
CA ILE L 46 11.47 36.32 -25.27
C ILE L 46 12.54 36.94 -26.17
N ALA L 47 13.43 36.10 -26.72
CA ALA L 47 14.51 36.61 -27.56
C ALA L 47 13.99 37.26 -28.83
N LYS L 48 12.80 36.88 -29.29
CA LYS L 48 12.22 37.47 -30.49
C LYS L 48 11.46 38.75 -30.19
N TYR L 49 11.12 39.01 -28.93
CA TYR L 49 10.34 40.19 -28.58
C TYR L 49 11.24 41.43 -28.61
N PRO L 50 10.94 42.42 -29.46
CA PRO L 50 11.82 43.59 -29.61
C PRO L 50 11.47 44.74 -28.66
N HIS L 51 11.55 44.49 -27.37
CA HIS L 51 11.24 45.52 -26.38
C HIS L 51 12.09 45.32 -25.14
N LYS L 52 12.26 46.40 -24.39
CA LYS L 52 12.76 46.29 -23.02
C LYS L 52 11.68 45.71 -22.14
N ILE L 53 12.03 44.66 -21.39
CA ILE L 53 11.10 44.06 -20.44
C ILE L 53 11.24 44.77 -19.10
N LYS L 54 10.12 45.27 -18.59
CA LYS L 54 10.10 46.02 -17.34
C LYS L 54 9.48 45.25 -16.18
N SER L 55 8.42 44.50 -16.43
CA SER L 55 7.74 43.75 -15.38
C SER L 55 7.42 42.35 -15.87
N GLY L 56 7.39 41.40 -14.93
CA GLY L 56 7.03 40.04 -15.27
C GLY L 56 5.59 39.88 -15.71
N ALA L 57 4.68 40.67 -15.11
CA ALA L 57 3.28 40.61 -15.49
C ALA L 57 3.10 41.04 -16.95
N GLU L 58 3.91 41.99 -17.41
CA GLU L 58 3.88 42.37 -18.83
C GLU L 58 4.30 41.20 -19.70
N ALA L 59 5.33 40.46 -19.28
CA ALA L 59 5.79 39.31 -20.05
C ALA L 59 4.83 38.12 -19.96
N LYS L 60 3.94 38.12 -18.97
CA LYS L 60 2.95 37.04 -18.85
C LYS L 60 1.96 37.04 -20.00
N LYS L 61 1.84 38.14 -20.74
CA LYS L 61 0.94 38.19 -21.88
C LYS L 61 1.37 37.23 -22.98
N LEU L 62 2.69 37.11 -23.19
CA LEU L 62 3.20 36.23 -24.23
C LEU L 62 2.91 34.77 -23.89
N PRO L 63 2.51 33.97 -24.87
CA PRO L 63 2.31 32.54 -24.61
C PRO L 63 3.63 31.86 -24.27
N GLY L 64 3.53 30.81 -23.44
CA GLY L 64 4.69 30.09 -22.98
C GLY L 64 5.35 30.66 -21.74
N VAL L 65 4.88 31.80 -21.24
CA VAL L 65 5.40 32.42 -20.04
C VAL L 65 4.37 32.23 -18.93
N GLY L 66 4.77 31.58 -17.84
CA GLY L 66 3.86 31.30 -16.76
C GLY L 66 4.24 31.98 -15.46
N THR L 67 3.81 31.40 -14.33
CA THR L 67 4.04 32.02 -13.03
C THR L 67 5.51 31.96 -12.65
N LYS L 68 6.13 30.79 -12.78
CA LYS L 68 7.52 30.61 -12.33
C LYS L 68 8.48 31.49 -13.13
N ILE L 69 8.31 31.52 -14.45
CA ILE L 69 9.15 32.37 -15.29
C ILE L 69 8.96 33.84 -14.93
N ALA L 70 7.72 34.24 -14.68
CA ALA L 70 7.44 35.63 -14.31
C ALA L 70 8.12 36.01 -13.00
N GLU L 71 7.94 35.18 -11.98
CA GLU L 71 8.51 35.50 -10.66
C GLU L 71 10.03 35.59 -10.78
N LYS L 72 10.62 34.72 -11.61
CA LYS L 72 12.10 34.67 -11.71
C LYS L 72 12.63 35.87 -12.51
N ILE L 73 11.99 36.22 -13.63
CA ILE L 73 12.43 37.40 -14.36
C ILE L 73 12.21 38.65 -13.53
N ASP L 74 11.16 38.71 -12.71
CA ASP L 74 10.99 39.84 -11.81
C ASP L 74 12.12 39.92 -10.80
N GLU L 75 12.52 38.78 -10.22
CA GLU L 75 13.64 38.79 -9.29
C GLU L 75 14.93 39.17 -9.99
N PHE L 76 15.13 38.71 -11.23
CA PHE L 76 16.32 39.07 -11.98
C PHE L 76 16.36 40.57 -12.28
N LEU L 77 15.21 41.15 -12.63
CA LEU L 77 15.16 42.59 -12.86
C LEU L 77 15.39 43.37 -11.57
N ALA L 78 14.91 42.85 -10.45
CA ALA L 78 15.07 43.55 -9.18
C ALA L 78 16.51 43.49 -8.67
N THR L 79 17.15 42.33 -8.76
CA THR L 79 18.45 42.11 -8.13
C THR L 79 19.60 41.93 -9.10
N GLY L 80 19.33 41.75 -10.38
CA GLY L 80 20.39 41.51 -11.35
C GLY L 80 20.87 40.08 -11.43
N LYS L 81 20.28 39.17 -10.65
CA LYS L 81 20.72 37.79 -10.63
C LYS L 81 19.60 36.95 -10.00
N LEU L 82 19.85 35.64 -9.89
CA LEU L 82 18.92 34.72 -9.25
C LEU L 82 19.68 33.93 -8.18
N ARG L 83 19.12 33.90 -6.97
CA ARG L 83 19.77 33.19 -5.87
C ARG L 83 19.90 31.71 -6.17
N LYS L 84 18.85 31.13 -6.75
CA LYS L 84 18.92 29.70 -7.14
C LYS L 84 20.06 29.53 -8.15
N LEU L 85 20.08 30.37 -9.20
CA LEU L 85 21.10 30.27 -10.22
C LEU L 85 22.49 30.51 -9.65
N GLU L 86 22.63 31.47 -8.74
CA GLU L 86 23.95 31.73 -8.16
C GLU L 86 24.42 30.56 -7.31
N LYS L 87 23.51 29.98 -6.52
CA LYS L 87 23.86 28.80 -5.73
C LYS L 87 24.30 27.68 -6.65
N ILE L 88 23.50 27.42 -7.67
CA ILE L 88 23.78 26.28 -8.54
C ILE L 88 25.01 26.52 -9.40
N ARG L 89 25.41 27.78 -9.58
CA ARG L 89 26.65 28.06 -10.30
C ARG L 89 27.87 27.65 -9.50
N GLN L 90 27.87 27.93 -8.20
CA GLN L 90 28.99 27.60 -7.34
C GLN L 90 28.99 26.14 -6.91
N ASP L 91 27.94 25.38 -7.22
CA ASP L 91 27.92 23.97 -6.91
C ASP L 91 28.94 23.24 -7.78
N ASP L 92 29.90 22.57 -7.12
CA ASP L 92 30.94 21.87 -7.87
C ASP L 92 30.37 20.73 -8.69
N THR L 93 29.42 19.98 -8.12
CA THR L 93 28.88 18.82 -8.80
C THR L 93 28.10 19.22 -10.06
N SER L 94 27.21 20.21 -9.93
CA SER L 94 26.41 20.63 -11.07
C SER L 94 27.26 21.25 -12.18
N SER L 95 28.21 22.09 -11.80
CA SER L 95 29.10 22.70 -12.80
C SER L 95 29.95 21.65 -13.48
N SER L 96 30.45 20.67 -12.72
CA SER L 96 31.23 19.58 -13.31
C SER L 96 30.37 18.77 -14.28
N ILE L 97 29.13 18.48 -13.90
CA ILE L 97 28.23 17.73 -14.78
C ILE L 97 27.98 18.49 -16.07
N ASN L 98 27.72 19.80 -15.97
CA ASN L 98 27.49 20.61 -17.16
C ASN L 98 28.73 20.63 -18.06
N PHE L 99 29.92 20.80 -17.45
CA PHE L 99 31.14 20.85 -18.23
C PHE L 99 31.42 19.53 -18.91
N LEU L 100 31.09 18.41 -18.26
CA LEU L 100 31.22 17.11 -18.90
C LEU L 100 30.21 16.93 -20.03
N THR L 101 28.97 17.39 -19.82
CA THR L 101 27.95 17.26 -20.86
C THR L 101 28.25 18.15 -22.05
N ARG L 102 29.13 19.14 -21.91
CA ARG L 102 29.59 19.87 -23.08
C ARG L 102 30.33 18.97 -24.07
N VAL L 103 30.88 17.86 -23.60
CA VAL L 103 31.54 16.91 -24.48
C VAL L 103 30.49 16.08 -25.21
N SER L 104 30.66 15.90 -26.50
CA SER L 104 29.75 15.06 -27.28
C SER L 104 29.84 13.61 -26.82
N GLY L 105 28.69 12.96 -26.71
CA GLY L 105 28.59 11.61 -26.23
C GLY L 105 28.40 11.50 -24.73
N ILE L 106 28.63 12.57 -23.99
CA ILE L 106 28.44 12.60 -22.54
C ILE L 106 27.21 13.42 -22.25
N GLY L 107 26.21 12.80 -21.60
CA GLY L 107 25.00 13.48 -21.23
C GLY L 107 24.73 13.35 -19.75
N PRO L 108 23.45 13.26 -19.38
CA PRO L 108 23.09 13.22 -17.95
C PRO L 108 23.66 12.02 -17.21
N SER L 109 23.39 10.80 -17.70
CA SER L 109 23.86 9.61 -17.00
C SER L 109 25.37 9.52 -16.98
N ALA L 110 26.01 9.80 -18.12
CA ALA L 110 27.47 9.67 -18.21
C ALA L 110 28.17 10.66 -17.30
N ALA L 111 27.78 11.94 -17.39
CA ALA L 111 28.40 12.96 -16.54
C ALA L 111 28.09 12.69 -15.07
N ARG L 112 26.89 12.24 -14.76
CA ARG L 112 26.54 11.93 -13.37
C ARG L 112 27.42 10.82 -12.83
N LYS L 113 27.60 9.74 -13.60
CA LYS L 113 28.45 8.65 -13.16
C LYS L 113 29.89 9.09 -13.01
N PHE L 114 30.40 9.88 -13.96
CA PHE L 114 31.80 10.31 -13.90
C PHE L 114 32.04 11.21 -12.70
N VAL L 115 31.12 12.15 -12.42
CA VAL L 115 31.26 12.98 -11.23
C VAL L 115 31.13 12.13 -9.97
N ASP L 116 30.29 11.10 -9.99
CA ASP L 116 30.18 10.20 -8.84
C ASP L 116 31.49 9.48 -8.58
N GLU L 117 32.21 9.09 -9.63
CA GLU L 117 33.48 8.41 -9.47
C GLU L 117 34.68 9.36 -9.48
N GLY L 118 34.44 10.67 -9.39
CA GLY L 118 35.49 11.65 -9.27
C GLY L 118 35.97 12.25 -10.59
N ILE L 119 35.53 11.72 -11.72
CA ILE L 119 35.91 12.27 -13.02
C ILE L 119 35.08 13.52 -13.27
N LYS L 120 35.73 14.68 -13.20
CA LYS L 120 35.02 15.96 -13.31
C LYS L 120 35.61 16.92 -14.33
N THR L 121 36.88 16.77 -14.72
CA THR L 121 37.52 17.67 -15.66
C THR L 121 38.06 16.89 -16.86
N LEU L 122 38.37 17.63 -17.94
CA LEU L 122 38.93 17.00 -19.14
C LEU L 122 40.25 16.32 -18.86
N GLU L 123 40.99 16.74 -17.83
CA GLU L 123 42.18 16.01 -17.42
C GLU L 123 41.84 14.60 -17.00
N ASP L 124 40.75 14.43 -16.24
CA ASP L 124 40.31 13.10 -15.85
C ASP L 124 39.87 12.29 -17.06
N LEU L 125 39.20 12.93 -18.02
CA LEU L 125 38.81 12.23 -19.25
C LEU L 125 40.03 11.74 -20.01
N ARG L 126 41.07 12.57 -20.11
CA ARG L 126 42.28 12.15 -20.80
C ARG L 126 43.03 11.06 -20.03
N LYS L 127 43.00 11.11 -18.70
CA LYS L 127 43.65 10.09 -17.89
C LYS L 127 42.86 8.79 -17.81
N ASN L 128 41.58 8.80 -18.19
CA ASN L 128 40.73 7.62 -18.07
C ASN L 128 40.21 7.15 -19.43
N GLU L 129 41.12 7.00 -20.40
CA GLU L 129 40.73 6.55 -21.73
C GLU L 129 39.99 5.21 -21.68
N ASP L 130 40.39 4.32 -20.77
CA ASP L 130 39.78 3.01 -20.68
C ASP L 130 38.31 3.05 -20.29
N LYS L 131 37.88 4.12 -19.62
CA LYS L 131 36.48 4.27 -19.20
C LYS L 131 35.62 4.90 -20.29
N LEU L 132 36.18 5.21 -21.45
CA LEU L 132 35.47 5.85 -22.53
C LEU L 132 35.37 4.90 -23.72
N ASN L 133 34.22 4.89 -24.38
CA ASN L 133 34.03 4.08 -25.57
C ASN L 133 34.65 4.80 -26.77
N HIS L 134 34.44 4.27 -27.97
CA HIS L 134 35.02 4.88 -29.17
C HIS L 134 34.45 6.27 -29.40
N HIS L 135 33.13 6.42 -29.28
CA HIS L 135 32.49 7.71 -29.53
C HIS L 135 32.93 8.73 -28.48
N GLN L 136 33.00 8.32 -27.22
CA GLN L 136 33.43 9.23 -26.17
C GLN L 136 34.88 9.65 -26.35
N ARG L 137 35.75 8.72 -26.75
CA ARG L 137 37.15 9.07 -27.01
C ARG L 137 37.27 10.04 -28.18
N ILE L 138 36.49 9.81 -29.25
CA ILE L 138 36.52 10.72 -30.39
C ILE L 138 36.03 12.11 -29.97
N GLY L 139 34.97 12.18 -29.18
CA GLY L 139 34.50 13.46 -28.69
C GLY L 139 35.50 14.16 -27.80
N LEU L 140 36.20 13.40 -26.95
CA LEU L 140 37.23 13.98 -26.10
C LEU L 140 38.39 14.52 -26.93
N LYS L 141 38.77 13.80 -27.99
CA LYS L 141 39.91 14.23 -28.80
C LYS L 141 39.62 15.56 -29.50
N TYR L 142 38.39 15.77 -29.94
CA TYR L 142 38.02 16.96 -30.71
C TYR L 142 37.02 17.83 -29.96
N PHE L 143 37.26 18.06 -28.67
CA PHE L 143 36.38 18.93 -27.88
C PHE L 143 36.42 20.35 -28.41
N GLY L 144 37.62 20.91 -28.59
CA GLY L 144 37.73 22.27 -29.08
C GLY L 144 37.28 22.42 -30.53
N ASP L 145 37.64 21.45 -31.37
CA ASP L 145 37.32 21.54 -32.80
C ASP L 145 35.81 21.49 -33.04
N PHE L 146 35.09 20.66 -32.28
CA PHE L 146 33.66 20.50 -32.51
C PHE L 146 32.87 21.73 -32.12
N GLU L 147 33.37 22.50 -31.13
CA GLU L 147 32.65 23.69 -30.67
C GLU L 147 32.88 24.90 -31.57
N LYS L 148 33.78 24.82 -32.54
CA LYS L 148 34.03 25.93 -33.44
C LYS L 148 32.99 25.98 -34.54
N ARG L 149 32.70 27.19 -35.01
CA ARG L 149 31.78 27.39 -36.12
C ARG L 149 32.52 27.28 -37.44
N ILE L 150 31.76 27.01 -38.50
CA ILE L 150 32.29 26.72 -39.82
C ILE L 150 31.96 27.89 -40.74
N PRO L 151 32.95 28.59 -41.28
CA PRO L 151 32.67 29.65 -42.25
C PRO L 151 32.08 29.07 -43.54
N ARG L 152 31.28 29.88 -44.22
CA ARG L 152 30.56 29.40 -45.39
C ARG L 152 31.49 29.06 -46.53
N GLU L 153 32.65 29.72 -46.64
CA GLU L 153 33.55 29.43 -47.75
C GLU L 153 34.19 28.06 -47.61
N GLU L 154 34.64 27.72 -46.40
CA GLU L 154 35.18 26.40 -46.12
C GLU L 154 34.12 25.32 -46.36
N MET L 155 32.88 25.61 -45.95
CA MET L 155 31.81 24.65 -46.14
C MET L 155 31.43 24.50 -47.61
N LEU L 156 31.55 25.57 -48.40
CA LEU L 156 31.44 25.44 -49.86
C LEU L 156 32.53 24.54 -50.42
N GLN L 157 33.78 24.74 -49.97
CA GLN L 157 34.88 23.90 -50.43
C GLN L 157 34.62 22.43 -50.15
N MET L 158 34.24 22.12 -48.90
CA MET L 158 34.05 20.72 -48.54
C MET L 158 32.77 20.14 -49.15
N GLN L 159 31.76 20.97 -49.41
CA GLN L 159 30.61 20.50 -50.19
C GLN L 159 31.04 20.11 -51.60
N ASP L 160 31.88 20.93 -52.23
CA ASP L 160 32.38 20.60 -53.57
C ASP L 160 33.17 19.29 -53.53
N ILE L 161 34.00 19.12 -52.50
CA ILE L 161 34.78 17.89 -52.37
C ILE L 161 33.87 16.68 -52.21
N VAL L 162 32.84 16.80 -51.35
CA VAL L 162 31.92 15.70 -51.12
C VAL L 162 31.17 15.35 -52.40
N LEU L 163 30.67 16.37 -53.11
CA LEU L 163 29.95 16.11 -54.36
C LEU L 163 30.85 15.45 -55.40
N ASN L 164 32.11 15.90 -55.49
CA ASN L 164 33.04 15.29 -56.43
C ASN L 164 33.28 13.83 -56.11
N GLU L 165 33.49 13.52 -54.82
CA GLU L 165 33.72 12.12 -54.44
C GLU L 165 32.48 11.25 -54.66
N VAL L 166 31.30 11.78 -54.33
CA VAL L 166 30.07 11.01 -54.51
C VAL L 166 29.81 10.74 -55.99
N LYS L 167 30.04 11.75 -56.84
CA LYS L 167 29.91 11.52 -58.28
C LYS L 167 30.99 10.57 -58.79
N LYS L 168 32.17 10.57 -58.17
CA LYS L 168 33.20 9.61 -58.52
C LYS L 168 32.77 8.18 -58.20
N VAL L 169 32.04 8.00 -57.09
CA VAL L 169 31.53 6.68 -56.76
C VAL L 169 30.56 6.21 -57.84
N ASP L 170 29.58 7.05 -58.19
CA ASP L 170 28.61 6.74 -59.23
C ASP L 170 27.88 8.01 -59.64
N SER L 171 27.69 8.19 -60.95
CA SER L 171 27.04 9.41 -61.44
C SER L 171 25.55 9.46 -61.09
N GLU L 172 24.92 8.30 -60.86
CA GLU L 172 23.50 8.27 -60.54
C GLU L 172 23.20 8.68 -59.11
N TYR L 173 24.21 8.84 -58.26
CA TYR L 173 24.00 9.31 -56.90
C TYR L 173 23.58 10.77 -56.89
N ILE L 174 22.76 11.12 -55.90
CA ILE L 174 22.32 12.49 -55.68
C ILE L 174 22.58 12.83 -54.22
N ALA L 175 23.39 13.87 -53.98
CA ALA L 175 23.73 14.29 -52.63
C ALA L 175 23.32 15.75 -52.44
N THR L 176 22.64 16.02 -51.32
CA THR L 176 22.16 17.36 -51.01
C THR L 176 22.58 17.73 -49.60
N VAL L 177 23.24 18.87 -49.44
CA VAL L 177 23.61 19.40 -48.14
C VAL L 177 22.47 20.30 -47.68
N CYS L 178 21.68 19.82 -46.72
CA CYS L 178 20.50 20.53 -46.26
C CYS L 178 20.85 21.36 -45.03
N GLY L 179 19.84 22.01 -44.45
CA GLY L 179 20.02 22.76 -43.22
C GLY L 179 20.17 24.26 -43.43
N SER L 180 20.84 24.88 -42.47
CA SER L 180 21.07 26.32 -42.53
C SER L 180 21.90 26.70 -43.75
N PHE L 181 22.84 25.84 -44.15
CA PHE L 181 23.61 26.09 -45.36
C PHE L 181 22.71 26.13 -46.59
N ARG L 182 21.79 25.17 -46.71
CA ARG L 182 20.85 25.18 -47.83
C ARG L 182 19.97 26.42 -47.76
N ARG L 183 19.60 26.83 -46.55
CA ARG L 183 18.87 28.08 -46.36
C ARG L 183 19.74 29.31 -46.56
N GLY L 184 21.05 29.14 -46.71
CA GLY L 184 21.93 30.26 -47.01
C GLY L 184 22.58 30.92 -45.82
N ALA L 185 22.53 30.32 -44.64
CA ALA L 185 23.15 30.91 -43.47
C ALA L 185 24.67 30.91 -43.60
N GLU L 186 25.29 31.91 -42.99
CA GLU L 186 26.74 32.09 -43.11
C GLU L 186 27.54 31.03 -42.38
N SER L 187 26.93 30.31 -41.43
CA SER L 187 27.65 29.33 -40.64
C SER L 187 26.70 28.25 -40.17
N SER L 188 27.27 27.10 -39.82
CA SER L 188 26.51 25.97 -39.30
C SER L 188 27.37 25.20 -38.32
N GLY L 189 26.71 24.45 -37.45
CA GLY L 189 27.41 23.69 -36.42
C GLY L 189 27.77 22.27 -36.83
N ASP L 190 27.11 21.75 -37.85
CA ASP L 190 27.34 20.39 -38.30
C ASP L 190 26.87 20.26 -39.75
N MET L 191 27.22 19.13 -40.36
CA MET L 191 26.85 18.85 -41.74
C MET L 191 25.84 17.72 -41.78
N ASP L 192 24.73 17.95 -42.47
CA ASP L 192 23.69 16.95 -42.68
C ASP L 192 23.67 16.63 -44.17
N VAL L 193 24.27 15.51 -44.54
CA VAL L 193 24.41 15.11 -45.94
C VAL L 193 23.34 14.06 -46.23
N LEU L 194 22.54 14.33 -47.26
CA LEU L 194 21.43 13.46 -47.64
C LEU L 194 21.72 12.83 -48.99
N LEU L 195 21.63 11.50 -49.06
CA LEU L 195 21.98 10.76 -50.26
C LEU L 195 20.85 9.81 -50.64
N THR L 196 20.70 9.58 -51.93
CA THR L 196 19.72 8.63 -52.45
C THR L 196 20.36 7.85 -53.60
N HIS L 197 19.63 6.83 -54.07
CA HIS L 197 20.09 6.00 -55.16
C HIS L 197 18.86 5.56 -55.95
N PRO L 198 18.91 5.59 -57.28
CA PRO L 198 17.74 5.18 -58.07
C PRO L 198 17.32 3.73 -57.84
N SER L 199 18.28 2.83 -57.57
CA SER L 199 17.95 1.45 -57.28
C SER L 199 17.46 1.24 -55.85
N PHE L 200 17.57 2.25 -55.00
CA PHE L 200 17.18 2.15 -53.60
C PHE L 200 15.90 2.97 -53.40
N THR L 201 14.77 2.28 -53.29
CA THR L 201 13.48 2.90 -53.00
C THR L 201 12.93 2.31 -51.71
N SER L 202 11.70 2.70 -51.36
CA SER L 202 11.06 2.18 -50.17
C SER L 202 10.75 0.69 -50.30
N GLU L 203 10.56 0.21 -51.53
CA GLU L 203 10.27 -1.19 -51.79
C GLU L 203 11.38 -1.83 -52.61
N SER L 204 12.62 -1.51 -52.28
CA SER L 204 13.78 -2.05 -52.99
C SER L 204 14.87 -2.48 -52.02
N GLN L 207 20.47 -1.29 -51.94
CA GLN L 207 21.57 -2.11 -51.46
C GLN L 207 22.12 -1.58 -50.14
N PRO L 208 22.40 -2.49 -49.21
CA PRO L 208 22.96 -2.06 -47.91
C PRO L 208 24.38 -1.50 -48.00
N LYS L 209 25.08 -1.72 -49.11
CA LYS L 209 26.46 -1.27 -49.25
C LYS L 209 26.59 0.03 -50.04
N LEU L 210 25.46 0.67 -50.36
CA LEU L 210 25.51 1.93 -51.11
C LEU L 210 26.18 3.03 -50.30
N LEU L 211 25.86 3.12 -49.01
CA LEU L 211 26.52 4.11 -48.15
C LEU L 211 27.96 3.73 -47.86
N HIS L 212 28.25 2.42 -47.81
CA HIS L 212 29.60 1.96 -47.51
C HIS L 212 30.58 2.39 -48.59
N GLN L 213 30.16 2.34 -49.86
CA GLN L 213 31.03 2.76 -50.95
C GLN L 213 31.41 4.23 -50.81
N VAL L 214 30.41 5.07 -50.51
CA VAL L 214 30.67 6.51 -50.36
C VAL L 214 31.58 6.76 -49.16
N VAL L 215 31.33 6.07 -48.04
CA VAL L 215 32.16 6.27 -46.85
C VAL L 215 33.60 5.85 -47.12
N GLU L 216 33.79 4.70 -47.79
CA GLU L 216 35.13 4.24 -48.10
C GLU L 216 35.84 5.18 -49.07
N GLN L 217 35.11 5.71 -50.06
CA GLN L 217 35.71 6.65 -51.01
C GLN L 217 36.13 7.93 -50.31
N LEU L 218 35.30 8.46 -49.41
CA LEU L 218 35.66 9.67 -48.68
C LEU L 218 36.82 9.42 -47.72
N GLN L 219 36.90 8.22 -47.14
CA GLN L 219 38.06 7.89 -46.31
C GLN L 219 39.33 7.73 -47.13
N LYS L 220 39.19 7.28 -48.39
CA LYS L 220 40.36 7.09 -49.25
C LYS L 220 41.04 8.41 -49.56
N VAL L 221 40.26 9.47 -49.80
CA VAL L 221 40.81 10.77 -50.16
C VAL L 221 41.17 11.55 -48.91
N HIS L 222 41.12 10.89 -47.75
CA HIS L 222 41.51 11.46 -46.46
C HIS L 222 40.68 12.67 -46.08
N PHE L 223 39.42 12.71 -46.54
CA PHE L 223 38.51 13.76 -46.11
C PHE L 223 37.88 13.42 -44.76
N ILE L 224 37.23 12.26 -44.68
CA ILE L 224 36.67 11.79 -43.42
C ILE L 224 37.80 11.25 -42.56
N THR L 225 37.97 11.82 -41.37
CA THR L 225 39.08 11.44 -40.50
C THR L 225 38.70 10.42 -39.45
N ASP L 226 37.46 10.43 -38.97
CA ASP L 226 37.03 9.53 -37.92
C ASP L 226 35.62 9.04 -38.21
N THR L 227 35.29 7.89 -37.64
CA THR L 227 33.97 7.27 -37.79
C THR L 227 33.36 7.09 -36.40
N LEU L 228 32.19 7.70 -36.20
CA LEU L 228 31.47 7.55 -34.94
C LEU L 228 30.53 6.36 -34.97
N SER L 229 29.75 6.24 -36.05
CA SER L 229 28.87 5.11 -36.26
C SER L 229 28.52 5.06 -37.74
N LYS L 230 28.47 3.86 -38.29
CA LYS L 230 28.26 3.66 -39.73
C LYS L 230 27.28 2.51 -39.91
N GLY L 231 26.08 2.83 -40.41
CA GLY L 231 25.07 1.81 -40.62
C GLY L 231 24.59 1.76 -42.06
N GLU L 232 23.52 1.01 -42.29
CA GLU L 232 22.96 0.89 -43.63
C GLU L 232 22.06 2.05 -44.01
N THR L 233 21.71 2.92 -43.06
CA THR L 233 20.82 4.05 -43.34
C THR L 233 21.49 5.40 -43.12
N LYS L 234 22.21 5.56 -42.01
CA LYS L 234 22.85 6.84 -41.69
C LYS L 234 24.27 6.61 -41.21
N PHE L 235 25.14 7.57 -41.49
CA PHE L 235 26.52 7.55 -41.04
C PHE L 235 26.85 8.85 -40.34
N MET L 236 27.54 8.75 -39.21
CA MET L 236 28.04 9.91 -38.47
C MET L 236 29.54 9.77 -38.28
N GLY L 237 30.27 10.83 -38.58
CA GLY L 237 31.71 10.80 -38.47
C GLY L 237 32.31 12.19 -38.42
N VAL L 238 33.63 12.24 -38.59
CA VAL L 238 34.39 13.49 -38.54
C VAL L 238 35.11 13.67 -39.86
N CYS L 239 35.05 14.90 -40.39
CA CYS L 239 35.78 15.26 -41.60
C CYS L 239 36.55 16.55 -41.36
N GLN L 240 37.59 16.75 -42.15
CA GLN L 240 38.45 17.91 -42.00
C GLN L 240 39.02 18.29 -43.36
N LEU L 241 38.92 19.57 -43.71
CA LEU L 241 39.48 20.05 -44.96
C LEU L 241 41.01 19.98 -44.91
N PRO L 242 41.65 19.50 -45.97
CA PRO L 242 43.11 19.47 -45.99
C PRO L 242 43.70 20.87 -46.12
N SER L 243 44.83 21.08 -45.46
CA SER L 243 45.56 22.33 -45.58
C SER L 243 46.45 22.31 -46.81
N LYS L 244 46.76 23.50 -47.33
CA LYS L 244 47.57 23.62 -48.54
C LYS L 244 49.06 23.58 -48.23
N ASN L 245 49.47 22.59 -47.44
CA ASN L 245 50.85 22.19 -47.14
C ASN L 245 51.64 23.26 -46.39
N ASP L 246 51.10 24.46 -46.18
CA ASP L 246 51.82 25.50 -45.45
C ASP L 246 50.98 26.22 -44.41
N GLU L 247 49.66 26.24 -44.51
CA GLU L 247 48.82 26.94 -43.56
C GLU L 247 48.44 26.02 -42.39
N LYS L 248 47.87 26.63 -41.36
CA LYS L 248 47.40 25.87 -40.21
C LYS L 248 46.27 24.94 -40.62
N GLU L 249 46.23 23.75 -40.02
CA GLU L 249 45.23 22.76 -40.36
C GLU L 249 43.84 23.20 -39.92
N TYR L 250 42.85 22.86 -40.73
CA TYR L 250 41.49 23.25 -40.44
C TYR L 250 40.95 22.44 -39.26
N PRO L 251 40.11 23.03 -38.41
CA PRO L 251 39.56 22.27 -37.28
C PRO L 251 38.63 21.16 -37.74
N HIS L 252 38.62 20.08 -36.96
CA HIS L 252 37.78 18.93 -37.27
C HIS L 252 36.31 19.28 -37.09
N ARG L 253 35.47 18.79 -38.00
CA ARG L 253 34.06 19.12 -38.02
C ARG L 253 33.39 17.75 -38.07
N ARG L 254 32.24 17.66 -37.39
CA ARG L 254 31.45 16.40 -37.41
C ARG L 254 30.47 16.47 -38.58
N ILE L 255 30.43 15.43 -39.40
CA ILE L 255 29.62 15.41 -40.62
C ILE L 255 28.69 14.22 -40.46
N ASP L 256 27.43 14.40 -40.85
CA ASP L 256 26.42 13.35 -40.79
C ASP L 256 25.94 13.06 -42.20
N ILE L 257 25.93 11.78 -42.59
CA ILE L 257 25.49 11.34 -43.90
C ILE L 257 24.35 10.35 -43.72
N ARG L 258 23.23 10.60 -44.40
CA ARG L 258 22.03 9.79 -44.29
C ARG L 258 21.58 9.35 -45.67
N LEU L 259 21.28 8.06 -45.81
CA LEU L 259 20.78 7.49 -47.05
C LEU L 259 19.26 7.39 -46.99
N ILE L 260 18.60 7.93 -48.01
CA ILE L 260 17.14 7.98 -48.06
C ILE L 260 16.66 7.33 -49.35
N PRO L 261 15.54 6.61 -49.34
CA PRO L 261 14.98 6.11 -50.60
C PRO L 261 14.57 7.23 -51.54
N LYS L 262 14.49 6.88 -52.83
CA LYS L 262 14.22 7.88 -53.86
C LYS L 262 12.84 8.51 -53.68
N ASP L 263 11.83 7.71 -53.34
CA ASP L 263 10.50 8.24 -53.13
C ASP L 263 10.37 9.05 -51.86
N GLN L 264 11.38 9.03 -50.98
CA GLN L 264 11.38 9.78 -49.75
C GLN L 264 12.46 10.86 -49.71
N TYR L 265 13.31 10.92 -50.73
CA TYR L 265 14.50 11.77 -50.66
C TYR L 265 14.15 13.25 -50.65
N TYR L 266 13.21 13.67 -51.51
CA TYR L 266 12.86 15.08 -51.59
C TYR L 266 12.13 15.54 -50.34
N CYS L 267 11.26 14.70 -49.79
CA CYS L 267 10.61 15.03 -48.52
C CYS L 267 11.63 15.12 -47.39
N GLY L 268 12.62 14.22 -47.38
CA GLY L 268 13.68 14.33 -46.39
C GLY L 268 14.50 15.60 -46.55
N VAL L 269 14.77 16.00 -47.79
CA VAL L 269 15.49 17.25 -48.04
C VAL L 269 14.69 18.44 -47.54
N LEU L 270 13.38 18.45 -47.79
CA LEU L 270 12.53 19.53 -47.30
C LEU L 270 12.51 19.55 -45.78
N TYR L 271 12.42 18.38 -45.14
CA TYR L 271 12.37 18.34 -43.69
C TYR L 271 13.68 18.81 -43.06
N PHE L 272 14.83 18.38 -43.61
CA PHE L 272 16.12 18.73 -43.04
C PHE L 272 16.62 20.09 -43.49
N THR L 273 15.97 20.73 -44.46
CA THR L 273 16.38 22.06 -44.86
C THR L 273 16.04 23.08 -43.78
N GLY L 274 14.87 22.94 -43.16
CA GLY L 274 14.44 23.87 -42.13
C GLY L 274 13.75 25.10 -42.72
N SER L 275 13.44 26.05 -41.84
CA SER L 275 13.75 25.96 -40.41
C SER L 275 12.65 25.25 -39.63
N ASP L 276 12.85 25.12 -38.32
CA ASP L 276 11.86 24.44 -37.48
C ASP L 276 10.53 25.17 -37.48
N ILE L 277 10.56 26.50 -37.38
CA ILE L 277 9.34 27.29 -37.44
C ILE L 277 8.70 27.15 -38.82
N PHE L 278 9.51 27.21 -39.88
CA PHE L 278 9.00 27.02 -41.23
C PHE L 278 8.40 25.64 -41.41
N ASN L 279 9.07 24.62 -40.88
CA ASN L 279 8.54 23.25 -40.98
C ASN L 279 7.21 23.12 -40.24
N LYS L 280 7.11 23.73 -39.06
CA LYS L 280 5.85 23.68 -38.31
C LYS L 280 4.74 24.41 -39.06
N ASN L 281 5.05 25.55 -39.66
CA ASN L 281 4.05 26.28 -40.43
C ASN L 281 3.60 25.49 -41.65
N MET L 282 4.54 24.82 -42.33
CA MET L 282 4.18 23.99 -43.47
C MET L 282 3.32 22.80 -43.05
N ARG L 283 3.64 22.19 -41.90
CA ARG L 283 2.81 21.10 -41.40
C ARG L 283 1.42 21.58 -41.04
N ALA L 284 1.30 22.77 -40.45
CA ALA L 284 -0.02 23.32 -40.14
C ALA L 284 -0.80 23.62 -41.42
N HIS L 285 -0.12 24.15 -42.44
CA HIS L 285 -0.77 24.43 -43.72
C HIS L 285 -1.24 23.13 -44.38
N ALA L 286 -0.42 22.09 -44.31
CA ALA L 286 -0.83 20.79 -44.85
C ALA L 286 -2.04 20.24 -44.09
N LEU L 287 -2.03 20.36 -42.76
CA LEU L 287 -3.14 19.87 -41.96
C LEU L 287 -4.43 20.60 -42.28
N GLU L 288 -4.37 21.92 -42.44
CA GLU L 288 -5.57 22.67 -42.80
C GLU L 288 -5.96 22.46 -44.26
N LYS L 289 -5.04 21.97 -45.10
CA LYS L 289 -5.34 21.62 -46.47
C LYS L 289 -5.68 20.14 -46.64
N GLY L 290 -5.83 19.40 -45.55
CA GLY L 290 -6.19 18.00 -45.63
C GLY L 290 -5.06 17.07 -46.00
N PHE L 291 -3.83 17.39 -45.62
CA PHE L 291 -2.67 16.55 -45.89
C PHE L 291 -1.82 16.45 -44.63
N THR L 292 -1.03 15.38 -44.54
CA THR L 292 -0.05 15.24 -43.48
C THR L 292 1.32 15.02 -44.10
N ILE L 293 2.30 15.79 -43.62
CA ILE L 293 3.66 15.76 -44.16
C ILE L 293 4.61 15.36 -43.03
N ASN L 294 5.48 14.40 -43.31
CA ASN L 294 6.43 13.92 -42.30
C ASN L 294 7.83 13.91 -42.90
N GLU L 295 8.79 13.32 -42.18
CA GLU L 295 10.16 13.24 -42.68
C GLU L 295 10.24 12.34 -43.92
N TYR L 296 9.34 11.37 -44.04
CA TYR L 296 9.47 10.36 -45.09
C TYR L 296 8.72 10.74 -46.37
N THR L 297 7.40 10.85 -46.29
CA THR L 297 6.56 11.19 -47.45
C THR L 297 5.41 12.07 -46.98
N ILE L 298 4.43 12.26 -47.86
CA ILE L 298 3.22 13.01 -47.57
C ILE L 298 2.01 12.13 -47.83
N ARG L 299 1.04 12.16 -46.92
CA ARG L 299 -0.18 11.40 -47.08
C ARG L 299 -1.39 12.32 -47.14
N PRO L 300 -2.40 11.99 -47.94
CA PRO L 300 -3.68 12.70 -47.83
C PRO L 300 -4.43 12.27 -46.58
N LEU L 301 -5.27 13.18 -46.09
CA LEU L 301 -6.06 12.94 -44.88
C LEU L 301 -7.52 12.75 -45.26
N GLY L 302 -8.13 11.71 -44.69
CA GLY L 302 -9.55 11.46 -44.88
C GLY L 302 -10.41 12.35 -44.02
N VAL L 303 -11.72 12.18 -44.18
CA VAL L 303 -12.68 12.98 -43.41
C VAL L 303 -12.63 12.60 -41.94
N THR L 304 -12.29 11.35 -41.62
CA THR L 304 -12.21 10.88 -40.25
C THR L 304 -10.78 10.87 -39.70
N GLY L 305 -9.84 11.44 -40.44
CA GLY L 305 -8.46 11.49 -40.00
C GLY L 305 -7.59 10.32 -40.40
N VAL L 306 -8.15 9.34 -41.10
CA VAL L 306 -7.37 8.18 -41.52
C VAL L 306 -6.47 8.56 -42.69
N ALA L 307 -5.18 8.25 -42.55
CA ALA L 307 -4.22 8.55 -43.60
C ALA L 307 -4.25 7.46 -44.68
N GLY L 308 -4.26 7.90 -45.93
CA GLY L 308 -4.30 6.99 -47.06
C GLY L 308 -2.92 6.64 -47.57
N GLU L 309 -2.88 6.16 -48.81
CA GLU L 309 -1.62 5.81 -49.45
C GLU L 309 -0.79 7.08 -49.68
N PRO L 310 0.50 7.05 -49.35
CA PRO L 310 1.34 8.24 -49.55
C PRO L 310 1.43 8.63 -51.03
N LEU L 311 1.45 9.94 -51.27
CA LEU L 311 1.53 10.47 -52.61
C LEU L 311 2.96 10.36 -53.16
N PRO L 312 3.11 10.17 -54.47
CA PRO L 312 4.46 10.14 -55.05
C PRO L 312 5.14 11.50 -54.95
N VAL L 313 6.41 11.49 -54.61
CA VAL L 313 7.21 12.69 -54.43
C VAL L 313 8.39 12.63 -55.40
N ASP L 314 8.51 13.65 -56.25
CA ASP L 314 9.60 13.74 -57.20
C ASP L 314 10.34 15.07 -57.18
N SER L 315 9.86 16.04 -56.39
CA SER L 315 10.51 17.34 -56.27
C SER L 315 9.92 18.06 -55.06
N GLU L 316 10.67 19.06 -54.58
CA GLU L 316 10.14 19.91 -53.52
C GLU L 316 8.96 20.73 -54.02
N LYS L 317 9.02 21.19 -55.27
CA LYS L 317 7.91 21.93 -55.86
C LYS L 317 6.65 21.08 -55.92
N ASP L 318 6.79 19.76 -56.14
CA ASP L 318 5.64 18.88 -56.07
C ASP L 318 5.03 18.87 -54.67
N ILE L 319 5.87 18.86 -53.64
CA ILE L 319 5.38 18.88 -52.27
C ILE L 319 4.64 20.19 -51.98
N PHE L 320 5.20 21.31 -52.45
CA PHE L 320 4.52 22.59 -52.26
C PHE L 320 3.20 22.64 -53.01
N ASP L 321 3.15 22.07 -54.22
CA ASP L 321 1.92 22.07 -54.99
C ASP L 321 0.88 21.13 -54.39
N TYR L 322 1.32 20.10 -53.64
CA TYR L 322 0.38 19.19 -53.01
C TYR L 322 -0.50 19.92 -51.99
N ILE L 323 0.10 20.82 -51.20
CA ILE L 323 -0.61 21.51 -50.13
C ILE L 323 -1.14 22.84 -50.63
N GLN L 324 -1.12 23.03 -51.95
CA GLN L 324 -1.61 24.25 -52.60
C GLN L 324 -0.93 25.49 -52.03
N TRP L 325 0.41 25.45 -52.05
CA TRP L 325 1.22 26.52 -51.49
C TRP L 325 2.35 26.83 -52.48
N LYS L 326 2.65 28.12 -52.63
CA LYS L 326 3.67 28.55 -53.57
C LYS L 326 5.04 28.06 -53.14
N TYR L 327 5.83 27.61 -54.10
CA TYR L 327 7.18 27.12 -53.82
C TYR L 327 8.04 28.26 -53.27
N ARG L 328 8.75 27.97 -52.18
CA ARG L 328 9.57 28.96 -51.49
C ARG L 328 11.02 28.51 -51.54
N GLU L 329 11.91 29.47 -51.88
CA GLU L 329 13.33 29.18 -51.88
C GLU L 329 13.82 28.92 -50.45
N PRO L 330 14.87 28.11 -50.29
CA PRO L 330 15.38 27.84 -48.93
C PRO L 330 15.84 29.08 -48.19
N LYS L 331 16.28 30.12 -48.91
CA LYS L 331 16.61 31.38 -48.26
C LYS L 331 15.39 32.02 -47.61
N ASP L 332 14.20 31.78 -48.18
CA ASP L 332 12.95 32.31 -47.65
C ASP L 332 12.28 31.38 -46.66
N ARG L 333 12.96 30.31 -46.24
CA ARG L 333 12.40 29.33 -45.31
C ARG L 333 12.81 29.59 -43.87
N SER L 334 12.99 30.87 -43.51
CA SER L 334 13.27 31.21 -42.12
C SER L 334 12.09 30.86 -41.22
N GLU L 335 10.88 31.12 -41.69
CA GLU L 335 9.66 30.80 -40.93
C GLU L 335 8.49 30.55 -41.88
#